data_4UW5
#
_entry.id   4UW5
#
_cell.length_a   63.440
_cell.length_b   115.650
_cell.length_c   116.250
_cell.angle_alpha   90.00
_cell.angle_beta   90.00
_cell.angle_gamma   90.00
#
_symmetry.space_group_name_H-M   'P 21 21 21'
#
loop_
_entity.id
_entity.type
_entity.pdbx_description
1 polymer 'HUMAN GALECTIN-7'
2 non-polymer 'DENDRON D2-1'
3 water water
#
_entity_poly.entity_id   1
_entity_poly.type   'polypeptide(L)'
_entity_poly.pdbx_seq_one_letter_code
;MSNVPHKSSLPEGIRPGTVLRIRGLVPPNASRFHVNLLCGEEQGSDAALHFNPRLDTSEVVFNSKEQGSWGREERGPGVP
FQRGQPFEVLIIASDDGFKAVVGDAQYHHFRHRLPLARVRLVEVGGDVQLDSVRIF
;
_entity_poly.pdbx_strand_id   A,B,C,D,E,F
#
loop_
_chem_comp.id
_chem_comp.type
_chem_comp.name
_chem_comp.formula
4S0 non-polymer 'DENDRON D2-1' 'C49 H80 N10 O33'
#
# COMPACT_ATOMS: atom_id res chain seq x y z
N PRO A 5 1.56 -6.49 -26.22
CA PRO A 5 1.11 -7.83 -26.62
C PRO A 5 1.61 -8.92 -25.66
N HIS A 6 0.71 -9.50 -24.87
CA HIS A 6 1.10 -10.55 -23.90
C HIS A 6 0.90 -11.95 -24.46
N LYS A 7 1.88 -12.82 -24.24
CA LYS A 7 1.80 -14.22 -24.68
C LYS A 7 2.10 -15.20 -23.57
N SER A 8 1.19 -16.15 -23.34
CA SER A 8 1.44 -17.29 -22.46
C SER A 8 1.35 -18.60 -23.24
N SER A 9 2.49 -19.24 -23.50
CA SER A 9 2.45 -20.56 -24.15
C SER A 9 1.88 -21.62 -23.20
N LEU A 10 1.19 -22.61 -23.77
CA LEU A 10 0.63 -23.73 -23.03
C LEU A 10 1.08 -25.01 -23.70
N PRO A 11 2.36 -25.37 -23.50
CA PRO A 11 2.93 -26.47 -24.25
C PRO A 11 2.20 -27.79 -23.99
N GLU A 12 1.79 -28.02 -22.75
CA GLU A 12 1.04 -29.22 -22.40
C GLU A 12 -0.48 -29.05 -22.62
N GLY A 13 -0.90 -27.91 -23.17
CA GLY A 13 -2.31 -27.69 -23.48
C GLY A 13 -3.12 -27.39 -22.23
N ILE A 14 -4.44 -27.27 -22.36
CA ILE A 14 -5.30 -27.06 -21.18
C ILE A 14 -6.47 -28.04 -21.06
N ARG A 15 -6.88 -28.24 -19.81
CA ARG A 15 -7.91 -29.21 -19.41
C ARG A 15 -9.06 -28.50 -18.72
N PRO A 16 -10.26 -29.10 -18.72
CA PRO A 16 -11.34 -28.60 -17.87
C PRO A 16 -10.83 -28.35 -16.45
N GLY A 17 -11.06 -27.14 -15.94
CA GLY A 17 -10.48 -26.74 -14.67
C GLY A 17 -9.40 -25.70 -14.83
N THR A 18 -9.03 -25.37 -16.07
CA THR A 18 -8.05 -24.31 -16.29
C THR A 18 -8.72 -22.97 -16.17
N VAL A 19 -8.13 -22.06 -15.41
CA VAL A 19 -8.67 -20.73 -15.23
C VAL A 19 -7.67 -19.67 -15.68
N LEU A 20 -8.07 -18.88 -16.66
CA LEU A 20 -7.29 -17.73 -17.12
C LEU A 20 -7.85 -16.50 -16.42
N ARG A 21 -7.02 -15.79 -15.67
CA ARG A 21 -7.49 -14.59 -14.99
C ARG A 21 -6.69 -13.41 -15.48
N ILE A 22 -7.42 -12.39 -15.93
CA ILE A 22 -6.82 -11.23 -16.50
C ILE A 22 -7.27 -9.98 -15.79
N ARG A 23 -6.30 -9.18 -15.37
CA ARG A 23 -6.57 -7.93 -14.71
C ARG A 23 -5.86 -6.83 -15.47
N GLY A 24 -6.58 -5.76 -15.77
CA GLY A 24 -5.98 -4.67 -16.49
C GLY A 24 -6.85 -3.44 -16.55
N LEU A 25 -6.47 -2.54 -17.43
CA LEU A 25 -7.13 -1.24 -17.57
C LEU A 25 -7.40 -1.00 -19.04
N VAL A 26 -8.59 -0.51 -19.35
CA VAL A 26 -8.86 -0.08 -20.72
C VAL A 26 -8.46 1.40 -20.84
N PRO A 27 -7.48 1.69 -21.71
CA PRO A 27 -7.01 3.07 -21.94
C PRO A 27 -8.18 4.03 -22.16
N PRO A 28 -8.00 5.32 -21.79
CA PRO A 28 -9.01 6.35 -22.01
C PRO A 28 -9.46 6.44 -23.48
N ASN A 29 -8.61 6.06 -24.42
CA ASN A 29 -8.99 6.14 -25.84
C ASN A 29 -8.98 4.79 -26.54
N ALA A 30 -9.37 3.75 -25.81
CA ALA A 30 -9.41 2.40 -26.36
C ALA A 30 -10.48 2.26 -27.41
N SER A 31 -10.22 1.45 -28.41
CA SER A 31 -11.28 1.07 -29.34
C SER A 31 -11.66 -0.40 -29.14
N ARG A 32 -10.65 -1.28 -29.08
CA ARG A 32 -10.91 -2.69 -28.80
C ARG A 32 -9.68 -3.44 -28.32
N PHE A 33 -9.91 -4.51 -27.56
CA PHE A 33 -8.81 -5.45 -27.26
C PHE A 33 -9.32 -6.88 -27.36
N HIS A 34 -8.40 -7.84 -27.30
CA HIS A 34 -8.79 -9.23 -27.50
C HIS A 34 -8.02 -10.21 -26.63
N VAL A 35 -8.66 -11.34 -26.39
CA VAL A 35 -8.03 -12.47 -25.75
C VAL A 35 -8.28 -13.65 -26.64
N ASN A 36 -7.21 -14.25 -27.14
CA ASN A 36 -7.27 -15.44 -27.97
C ASN A 36 -6.70 -16.70 -27.33
N LEU A 37 -7.40 -17.82 -27.47
CA LEU A 37 -6.84 -19.12 -27.23
C LEU A 37 -6.52 -19.79 -28.55
N LEU A 38 -5.23 -19.92 -28.88
CA LEU A 38 -4.76 -20.39 -30.18
C LEU A 38 -4.21 -21.80 -30.15
N CYS A 39 -4.18 -22.46 -31.31
CA CYS A 39 -3.76 -23.87 -31.35
C CYS A 39 -2.30 -24.03 -31.76
N GLY A 40 -1.60 -22.91 -31.97
CA GLY A 40 -0.18 -22.94 -32.24
C GLY A 40 0.43 -21.57 -32.07
N GLU A 41 1.76 -21.48 -32.16
CA GLU A 41 2.50 -20.23 -32.03
C GLU A 41 2.66 -19.45 -33.34
N GLU A 42 2.37 -20.09 -34.46
CA GLU A 42 2.61 -19.48 -35.77
C GLU A 42 1.44 -18.60 -36.20
N GLN A 43 1.74 -17.50 -36.89
CA GLN A 43 0.70 -16.57 -37.34
C GLN A 43 -0.34 -17.29 -38.17
N GLY A 44 -1.60 -16.90 -38.00
CA GLY A 44 -2.71 -17.55 -38.66
C GLY A 44 -3.22 -18.83 -37.99
N SER A 45 -2.65 -19.22 -36.86
CA SER A 45 -3.08 -20.43 -36.18
C SER A 45 -4.59 -20.40 -35.85
N ASP A 46 -5.25 -21.56 -35.90
CA ASP A 46 -6.66 -21.64 -35.52
C ASP A 46 -6.88 -21.09 -34.11
N ALA A 47 -8.06 -20.55 -33.90
CA ALA A 47 -8.43 -19.99 -32.62
C ALA A 47 -9.63 -20.73 -32.06
N ALA A 48 -9.40 -21.43 -30.94
CA ALA A 48 -10.50 -22.08 -30.24
C ALA A 48 -11.44 -21.03 -29.66
N LEU A 49 -10.88 -19.90 -29.24
CA LEU A 49 -11.67 -18.85 -28.65
C LEU A 49 -11.05 -17.53 -29.00
N HIS A 50 -11.87 -16.58 -29.39
CA HIS A 50 -11.47 -15.21 -29.68
C HIS A 50 -12.46 -14.35 -28.92
N PHE A 51 -11.95 -13.54 -28.02
CA PHE A 51 -12.79 -12.79 -27.09
C PHE A 51 -12.43 -11.32 -27.30
N ASN A 52 -13.41 -10.50 -27.66
CA ASN A 52 -13.08 -9.23 -28.30
C ASN A 52 -13.99 -8.11 -27.88
N PRO A 53 -13.72 -7.52 -26.69
CA PRO A 53 -14.47 -6.37 -26.20
C PRO A 53 -14.23 -5.19 -27.09
N ARG A 54 -15.29 -4.57 -27.57
CA ARG A 54 -15.15 -3.49 -28.54
C ARG A 54 -15.79 -2.24 -27.99
N LEU A 55 -14.97 -1.33 -27.51
CA LEU A 55 -15.50 -0.10 -26.95
C LEU A 55 -16.03 0.84 -28.03
N ASP A 56 -15.48 0.77 -29.24
CA ASP A 56 -15.94 1.67 -30.28
C ASP A 56 -17.36 1.32 -30.76
N THR A 57 -17.69 0.03 -30.83
CA THR A 57 -19.04 -0.35 -31.28
C THR A 57 -19.92 -0.93 -30.16
N SER A 58 -19.47 -0.79 -28.90
CA SER A 58 -20.26 -1.16 -27.73
C SER A 58 -20.78 -2.58 -27.80
N GLU A 59 -19.88 -3.54 -27.98
CA GLU A 59 -20.22 -4.95 -28.05
C GLU A 59 -19.06 -5.79 -27.52
N VAL A 60 -19.33 -7.05 -27.27
CA VAL A 60 -18.26 -8.00 -27.04
C VAL A 60 -18.54 -9.18 -27.94
N VAL A 61 -17.65 -9.46 -28.88
CA VAL A 61 -17.90 -10.60 -29.75
C VAL A 61 -17.04 -11.81 -29.38
N PHE A 62 -17.61 -12.98 -29.61
CA PHE A 62 -16.98 -14.27 -29.40
C PHE A 62 -16.93 -14.96 -30.75
N ASN A 63 -15.83 -15.63 -31.05
CA ASN A 63 -15.75 -16.40 -32.28
C ASN A 63 -14.60 -17.37 -32.23
N SER A 64 -14.55 -18.25 -33.22
CA SER A 64 -13.45 -19.17 -33.42
C SER A 64 -12.91 -18.95 -34.82
N LYS A 65 -11.73 -19.48 -35.11
CA LYS A 65 -11.17 -19.40 -36.45
C LYS A 65 -10.55 -20.74 -36.87
N GLU A 66 -10.99 -21.27 -38.01
CA GLU A 66 -10.47 -22.51 -38.59
C GLU A 66 -10.07 -22.32 -40.06
N GLN A 67 -8.85 -22.73 -40.40
CA GLN A 67 -8.31 -22.59 -41.76
C GLN A 67 -8.38 -21.14 -42.21
N GLY A 68 -8.07 -20.23 -41.29
CA GLY A 68 -8.07 -18.82 -41.59
C GLY A 68 -9.44 -18.17 -41.63
N SER A 69 -10.51 -18.96 -41.53
CA SER A 69 -11.86 -18.42 -41.64
C SER A 69 -12.60 -18.29 -40.32
N TRP A 70 -13.15 -17.11 -40.06
CA TRP A 70 -13.97 -16.89 -38.86
C TRP A 70 -15.28 -17.66 -38.94
N GLY A 71 -15.74 -18.17 -37.81
CA GLY A 71 -17.00 -18.90 -37.73
C GLY A 71 -18.16 -17.95 -37.45
N ARG A 72 -19.28 -18.47 -36.94
CA ARG A 72 -20.40 -17.59 -36.59
C ARG A 72 -20.10 -16.86 -35.28
N GLU A 73 -20.30 -15.55 -35.31
CA GLU A 73 -20.09 -14.73 -34.14
C GLU A 73 -21.18 -14.98 -33.12
N GLU A 74 -20.79 -15.02 -31.84
CA GLU A 74 -21.74 -14.88 -30.74
C GLU A 74 -21.44 -13.54 -30.06
N ARG A 75 -22.44 -12.94 -29.46
CA ARG A 75 -22.26 -11.68 -28.74
C ARG A 75 -22.84 -11.82 -27.33
N GLY A 76 -22.31 -11.06 -26.39
CA GLY A 76 -22.89 -11.01 -25.06
C GLY A 76 -23.65 -9.71 -24.86
N PRO A 77 -24.37 -9.59 -23.74
CA PRO A 77 -25.12 -8.38 -23.35
C PRO A 77 -24.28 -7.10 -23.31
N GLY A 78 -24.60 -6.15 -24.19
CA GLY A 78 -23.86 -4.90 -24.28
C GLY A 78 -22.34 -5.01 -24.17
N VAL A 79 -21.75 -4.21 -23.27
CA VAL A 79 -20.30 -4.22 -23.05
C VAL A 79 -19.95 -3.92 -21.58
N PRO A 80 -19.47 -4.94 -20.85
CA PRO A 80 -19.14 -4.72 -19.45
C PRO A 80 -17.73 -4.13 -19.25
N PHE A 81 -17.34 -3.23 -20.15
CA PHE A 81 -16.09 -2.49 -19.98
C PHE A 81 -16.39 -1.02 -20.25
N GLN A 82 -15.51 -0.14 -19.79
CA GLN A 82 -15.66 1.29 -20.03
C GLN A 82 -14.33 1.99 -19.94
N ARG A 83 -14.00 2.75 -20.99
CA ARG A 83 -12.75 3.51 -21.11
C ARG A 83 -12.25 4.11 -19.79
N GLY A 84 -10.97 3.91 -19.51
CA GLY A 84 -10.34 4.48 -18.33
C GLY A 84 -10.51 3.71 -17.03
N GLN A 85 -11.16 2.54 -17.09
CA GLN A 85 -11.52 1.79 -15.88
C GLN A 85 -10.91 0.39 -15.80
N PRO A 86 -10.55 -0.05 -14.58
CA PRO A 86 -9.96 -1.37 -14.35
C PRO A 86 -10.97 -2.49 -14.56
N PHE A 87 -10.49 -3.68 -14.87
CA PHE A 87 -11.41 -4.79 -15.05
C PHE A 87 -10.77 -6.07 -14.58
N GLU A 88 -11.59 -7.09 -14.50
CA GLU A 88 -11.06 -8.40 -14.24
C GLU A 88 -11.88 -9.40 -15.00
N VAL A 89 -11.20 -10.22 -15.78
CA VAL A 89 -11.88 -11.22 -16.57
C VAL A 89 -11.34 -12.57 -16.16
N LEU A 90 -12.24 -13.54 -16.10
CA LEU A 90 -11.87 -14.94 -16.01
C LEU A 90 -12.35 -15.62 -17.27
N ILE A 91 -11.49 -16.41 -17.88
CA ILE A 91 -11.97 -17.33 -18.89
C ILE A 91 -11.81 -18.71 -18.31
N ILE A 92 -12.90 -19.43 -18.17
CA ILE A 92 -12.81 -20.73 -17.52
C ILE A 92 -13.12 -21.84 -18.47
N ALA A 93 -12.19 -22.77 -18.63
CA ALA A 93 -12.41 -23.96 -19.44
C ALA A 93 -13.15 -25.06 -18.68
N SER A 94 -14.16 -25.62 -19.33
CA SER A 94 -14.91 -26.77 -18.86
C SER A 94 -15.02 -27.76 -19.99
N ASP A 95 -15.69 -28.86 -19.73
CA ASP A 95 -15.93 -29.88 -20.74
C ASP A 95 -16.88 -29.39 -21.84
N ASP A 96 -17.74 -28.43 -21.49
CA ASP A 96 -18.76 -27.92 -22.40
C ASP A 96 -18.26 -26.82 -23.31
N GLY A 97 -17.46 -25.93 -22.74
CA GLY A 97 -16.97 -24.77 -23.47
C GLY A 97 -16.21 -23.91 -22.50
N PHE A 98 -16.14 -22.63 -22.83
CA PHE A 98 -15.49 -21.64 -22.00
C PHE A 98 -16.53 -20.73 -21.39
N LYS A 99 -16.41 -20.49 -20.08
CA LYS A 99 -17.17 -19.47 -19.38
C LYS A 99 -16.38 -18.17 -19.31
N ALA A 100 -17.00 -17.08 -19.72
CA ALA A 100 -16.39 -15.77 -19.55
C ALA A 100 -17.04 -15.04 -18.39
N VAL A 101 -16.22 -14.61 -17.43
CA VAL A 101 -16.73 -13.86 -16.29
C VAL A 101 -16.11 -12.48 -16.34
N VAL A 102 -16.93 -11.45 -16.16
CA VAL A 102 -16.41 -10.11 -16.03
C VAL A 102 -16.95 -9.59 -14.72
N GLY A 103 -16.16 -8.85 -13.98
CA GLY A 103 -16.63 -8.34 -12.71
C GLY A 103 -17.12 -9.48 -11.83
N ASP A 104 -18.38 -9.40 -11.39
CA ASP A 104 -18.92 -10.36 -10.43
C ASP A 104 -19.94 -11.30 -11.01
N ALA A 105 -19.98 -11.45 -12.34
CA ALA A 105 -21.02 -12.29 -12.93
C ALA A 105 -20.56 -12.96 -14.20
N GLN A 106 -21.00 -14.20 -14.40
CA GLN A 106 -20.72 -14.86 -15.66
C GLN A 106 -21.33 -14.02 -16.77
N TYR A 107 -20.55 -13.78 -17.82
CA TYR A 107 -21.01 -12.90 -18.88
C TYR A 107 -21.51 -13.70 -20.07
N HIS A 108 -20.78 -14.73 -20.47
CA HIS A 108 -21.15 -15.49 -21.64
C HIS A 108 -20.62 -16.93 -21.52
N HIS A 109 -21.34 -17.87 -22.14
CA HIS A 109 -20.85 -19.23 -22.27
C HIS A 109 -20.59 -19.52 -23.73
N PHE A 110 -19.36 -19.91 -24.04
CA PHE A 110 -18.99 -20.16 -25.41
C PHE A 110 -18.71 -21.64 -25.58
N ARG A 111 -19.63 -22.32 -26.24
CA ARG A 111 -19.56 -23.76 -26.36
C ARG A 111 -18.41 -24.15 -27.30
N HIS A 112 -17.67 -25.21 -26.95
CA HIS A 112 -16.51 -25.64 -27.72
C HIS A 112 -16.85 -25.87 -29.19
N ARG A 113 -16.01 -25.35 -30.08
CA ARG A 113 -16.12 -25.69 -31.50
C ARG A 113 -14.92 -26.55 -31.93
N LEU A 114 -13.71 -26.13 -31.56
CA LEU A 114 -12.52 -26.95 -31.76
C LEU A 114 -12.28 -27.77 -30.46
N PRO A 115 -11.60 -28.92 -30.58
CA PRO A 115 -11.23 -29.69 -29.39
C PRO A 115 -10.39 -28.86 -28.43
N LEU A 116 -10.79 -28.79 -27.16
CA LEU A 116 -10.02 -28.08 -26.14
C LEU A 116 -8.56 -28.51 -26.08
N ALA A 117 -8.31 -29.76 -26.44
CA ALA A 117 -6.96 -30.34 -26.35
C ALA A 117 -5.98 -29.70 -27.36
N ARG A 118 -6.51 -28.99 -28.35
CA ARG A 118 -5.68 -28.36 -29.37
C ARG A 118 -5.04 -27.05 -28.89
N VAL A 119 -5.58 -26.47 -27.83
CA VAL A 119 -5.12 -25.15 -27.39
C VAL A 119 -3.66 -25.19 -26.91
N ARG A 120 -2.83 -24.26 -27.38
CA ARG A 120 -1.40 -24.26 -27.03
C ARG A 120 -0.82 -22.90 -26.65
N LEU A 121 -1.66 -21.86 -26.69
CA LEU A 121 -1.18 -20.50 -26.47
C LEU A 121 -2.29 -19.54 -26.05
N VAL A 122 -1.97 -18.54 -25.22
CA VAL A 122 -2.90 -17.49 -24.87
C VAL A 122 -2.33 -16.15 -25.31
N GLU A 123 -3.06 -15.39 -26.12
CA GLU A 123 -2.62 -14.05 -26.52
C GLU A 123 -3.58 -12.97 -26.09
N VAL A 124 -3.06 -11.93 -25.46
CA VAL A 124 -3.85 -10.76 -25.09
C VAL A 124 -3.29 -9.53 -25.76
N GLY A 125 -4.08 -8.88 -26.62
CA GLY A 125 -3.60 -7.72 -27.36
C GLY A 125 -4.62 -6.63 -27.68
N GLY A 126 -4.17 -5.56 -28.33
CA GLY A 126 -5.04 -4.45 -28.64
C GLY A 126 -4.92 -3.33 -27.61
N ASP A 127 -5.94 -2.48 -27.55
CA ASP A 127 -5.90 -1.32 -26.67
C ASP A 127 -6.23 -1.75 -25.24
N VAL A 128 -5.28 -2.41 -24.58
CA VAL A 128 -5.45 -2.84 -23.20
C VAL A 128 -4.16 -2.59 -22.43
N GLN A 129 -4.32 -2.08 -21.21
CA GLN A 129 -3.20 -1.97 -20.29
C GLN A 129 -3.27 -3.14 -19.30
N LEU A 130 -2.30 -4.03 -19.38
CA LEU A 130 -2.34 -5.28 -18.64
C LEU A 130 -1.59 -5.21 -17.32
N ASP A 131 -2.33 -5.45 -16.24
CA ASP A 131 -1.71 -5.50 -14.92
C ASP A 131 -1.22 -6.90 -14.56
N SER A 132 -2.02 -7.94 -14.80
CA SER A 132 -1.52 -9.31 -14.63
C SER A 132 -2.26 -10.33 -15.49
N VAL A 133 -1.56 -11.36 -15.93
CA VAL A 133 -2.18 -12.45 -16.68
C VAL A 133 -1.72 -13.77 -16.08
N ARG A 134 -2.63 -14.47 -15.41
CA ARG A 134 -2.27 -15.67 -14.67
C ARG A 134 -3.12 -16.86 -15.08
N ILE A 135 -2.48 -18.01 -15.22
CA ILE A 135 -3.20 -19.21 -15.61
C ILE A 135 -3.17 -20.14 -14.40
N PHE A 136 -4.34 -20.49 -13.89
CA PHE A 136 -4.41 -21.35 -12.70
C PHE A 136 -4.90 -22.75 -13.09
N VAL B 4 -22.66 -14.87 9.89
CA VAL B 4 -23.80 -15.63 9.40
C VAL B 4 -23.41 -16.44 8.16
N PRO B 5 -23.59 -17.78 8.24
CA PRO B 5 -23.18 -18.76 7.23
C PRO B 5 -23.79 -18.55 5.85
N HIS B 6 -22.96 -18.54 4.81
CA HIS B 6 -23.39 -18.32 3.44
C HIS B 6 -23.53 -19.67 2.75
N LYS B 7 -24.74 -20.04 2.35
CA LYS B 7 -24.96 -21.37 1.79
C LYS B 7 -25.55 -21.33 0.38
N SER B 8 -24.96 -22.10 -0.52
CA SER B 8 -25.38 -22.09 -1.92
C SER B 8 -25.82 -23.49 -2.36
N SER B 9 -27.08 -23.59 -2.74
CA SER B 9 -27.64 -24.86 -3.17
C SER B 9 -27.25 -25.16 -4.59
N LEU B 10 -26.80 -26.39 -4.84
CA LEU B 10 -26.40 -26.78 -6.19
C LEU B 10 -26.99 -28.14 -6.53
N PRO B 11 -28.33 -28.19 -6.76
CA PRO B 11 -29.05 -29.44 -7.00
C PRO B 11 -28.59 -30.16 -8.27
N GLU B 12 -28.05 -29.39 -9.22
CA GLU B 12 -27.53 -29.92 -10.48
C GLU B 12 -26.08 -30.35 -10.38
N GLY B 13 -25.53 -30.27 -9.18
CA GLY B 13 -24.13 -30.63 -8.96
C GLY B 13 -23.17 -29.66 -9.64
N ILE B 14 -21.88 -29.93 -9.48
CA ILE B 14 -20.87 -29.15 -10.16
C ILE B 14 -19.96 -30.07 -10.99
N ARG B 15 -19.33 -29.49 -12.02
CA ARG B 15 -18.52 -30.24 -12.98
C ARG B 15 -17.11 -29.63 -13.08
N PRO B 16 -16.14 -30.38 -13.66
CA PRO B 16 -14.82 -29.78 -13.83
C PRO B 16 -14.90 -28.44 -14.59
N GLY B 17 -14.19 -27.43 -14.13
CA GLY B 17 -14.42 -26.08 -14.60
C GLY B 17 -15.38 -25.28 -13.72
N THR B 18 -15.82 -25.85 -12.60
CA THR B 18 -16.59 -25.06 -11.63
C THR B 18 -15.60 -24.20 -10.86
N VAL B 19 -15.83 -22.90 -10.80
CA VAL B 19 -14.98 -22.04 -9.98
C VAL B 19 -15.73 -21.41 -8.81
N LEU B 20 -15.23 -21.64 -7.60
CA LEU B 20 -15.79 -20.98 -6.44
C LEU B 20 -14.90 -19.81 -6.09
N ARG B 21 -15.44 -18.61 -6.06
CA ARG B 21 -14.67 -17.41 -5.72
C ARG B 21 -15.19 -16.77 -4.44
N ILE B 22 -14.35 -16.73 -3.40
CA ILE B 22 -14.72 -16.06 -2.15
C ILE B 22 -13.86 -14.82 -1.88
N ARG B 23 -14.50 -13.69 -1.69
CA ARG B 23 -13.79 -12.49 -1.31
C ARG B 23 -14.31 -12.03 0.02
N GLY B 24 -13.40 -11.77 0.95
CA GLY B 24 -13.83 -11.29 2.23
C GLY B 24 -12.73 -10.70 3.07
N LEU B 25 -12.99 -10.63 4.38
CA LEU B 25 -12.06 -10.08 5.32
C LEU B 25 -12.02 -10.95 6.58
N VAL B 26 -10.81 -11.23 7.05
CA VAL B 26 -10.59 -11.91 8.33
C VAL B 26 -10.63 -10.92 9.49
N PRO B 27 -11.68 -10.97 10.33
CA PRO B 27 -11.89 -10.10 11.49
C PRO B 27 -10.66 -9.95 12.39
N PRO B 28 -10.57 -8.84 13.14
CA PRO B 28 -9.41 -8.65 14.02
C PRO B 28 -9.29 -9.75 15.08
N ASN B 29 -10.41 -10.23 15.61
CA ASN B 29 -10.38 -11.29 16.62
C ASN B 29 -10.77 -12.65 16.06
N ALA B 30 -10.56 -12.86 14.77
CA ALA B 30 -10.91 -14.12 14.12
C ALA B 30 -10.01 -15.28 14.54
N SER B 31 -10.60 -16.46 14.68
CA SER B 31 -9.83 -17.66 15.07
C SER B 31 -9.68 -18.65 13.92
N ARG B 32 -10.76 -18.89 13.18
CA ARG B 32 -10.74 -19.77 12.02
C ARG B 32 -12.01 -19.61 11.19
N PHE B 33 -11.94 -19.99 9.92
CA PHE B 33 -13.17 -20.11 9.15
C PHE B 33 -13.07 -21.29 8.19
N HIS B 34 -14.18 -21.59 7.52
CA HIS B 34 -14.25 -22.77 6.67
C HIS B 34 -15.06 -22.57 5.39
N VAL B 35 -14.81 -23.47 4.47
CA VAL B 35 -15.46 -23.56 3.17
C VAL B 35 -15.67 -25.03 2.93
N ASN B 36 -16.92 -25.46 2.94
CA ASN B 36 -17.28 -26.85 2.79
C ASN B 36 -18.03 -27.13 1.49
N LEU B 37 -17.59 -28.17 0.79
CA LEU B 37 -18.36 -28.72 -0.31
C LEU B 37 -19.08 -29.99 0.14
N LEU B 38 -20.40 -29.89 0.29
CA LEU B 38 -21.23 -30.94 0.87
C LEU B 38 -22.09 -31.71 -0.13
N CYS B 39 -22.32 -32.97 0.17
CA CYS B 39 -23.06 -33.85 -0.72
C CYS B 39 -24.57 -33.86 -0.45
N GLY B 40 -25.08 -32.84 0.23
CA GLY B 40 -26.50 -32.78 0.50
C GLY B 40 -26.88 -31.63 1.41
N GLU B 41 -28.17 -31.32 1.49
CA GLU B 41 -28.65 -30.24 2.34
C GLU B 41 -28.77 -30.69 3.79
N GLU B 42 -28.79 -32.00 4.01
CA GLU B 42 -29.13 -32.58 5.30
C GLU B 42 -28.01 -32.57 6.34
N GLN B 43 -28.40 -32.55 7.62
CA GLN B 43 -27.47 -32.58 8.73
C GLN B 43 -26.45 -33.71 8.62
N GLY B 44 -25.17 -33.38 8.78
CA GLY B 44 -24.12 -34.37 8.73
C GLY B 44 -23.78 -35.02 7.38
N SER B 45 -24.13 -34.39 6.26
CA SER B 45 -23.86 -34.99 4.96
C SER B 45 -22.35 -35.10 4.73
N ASP B 46 -21.96 -36.09 3.92
CA ASP B 46 -20.57 -36.21 3.48
C ASP B 46 -20.03 -34.89 2.96
N ALA B 47 -18.76 -34.62 3.26
CA ALA B 47 -18.06 -33.43 2.80
C ALA B 47 -16.96 -33.80 1.81
N ALA B 48 -17.17 -33.46 0.54
CA ALA B 48 -16.15 -33.72 -0.47
C ALA B 48 -14.89 -32.94 -0.15
N LEU B 49 -15.08 -31.71 0.31
CA LEU B 49 -13.95 -30.87 0.69
C LEU B 49 -14.28 -29.98 1.89
N HIS B 50 -13.36 -29.95 2.85
CA HIS B 50 -13.45 -29.07 4.01
C HIS B 50 -12.20 -28.23 3.96
N PHE B 51 -12.37 -26.93 3.85
CA PHE B 51 -11.25 -26.02 3.67
C PHE B 51 -11.27 -25.08 4.84
N ASN B 52 -10.28 -25.23 5.71
CA ASN B 52 -10.34 -24.67 7.05
C ASN B 52 -9.10 -23.86 7.43
N PRO B 53 -9.04 -22.59 7.00
CA PRO B 53 -8.01 -21.68 7.49
C PRO B 53 -8.11 -21.47 9.01
N ARG B 54 -7.01 -21.70 9.71
CA ARG B 54 -6.99 -21.46 11.14
C ARG B 54 -5.94 -20.42 11.52
N LEU B 55 -6.42 -19.28 11.99
CA LEU B 55 -5.53 -18.25 12.48
C LEU B 55 -5.01 -18.54 13.91
N ASP B 56 -5.83 -19.17 14.73
CA ASP B 56 -5.42 -19.49 16.11
C ASP B 56 -4.25 -20.49 16.11
N THR B 57 -4.40 -21.61 15.43
CA THR B 57 -3.33 -22.62 15.38
C THR B 57 -2.40 -22.51 14.14
N SER B 58 -2.46 -21.41 13.41
CA SER B 58 -1.49 -21.13 12.34
C SER B 58 -1.31 -22.32 11.40
N GLU B 59 -2.43 -22.77 10.84
CA GLU B 59 -2.43 -23.88 9.90
C GLU B 59 -3.64 -23.70 9.00
N VAL B 60 -3.60 -24.35 7.84
CA VAL B 60 -4.76 -24.44 6.95
C VAL B 60 -4.94 -25.91 6.67
N VAL B 61 -6.11 -26.44 7.05
CA VAL B 61 -6.36 -27.86 6.95
C VAL B 61 -7.32 -28.17 5.82
N PHE B 62 -7.05 -29.28 5.14
CA PHE B 62 -7.91 -29.78 4.12
C PHE B 62 -8.29 -31.18 4.55
N ASN B 63 -9.57 -31.51 4.43
CA ASN B 63 -9.95 -32.87 4.70
C ASN B 63 -11.28 -33.21 4.05
N SER B 64 -11.63 -34.48 4.11
CA SER B 64 -12.94 -34.96 3.70
C SER B 64 -13.65 -35.62 4.89
N LYS B 65 -14.94 -35.90 4.70
CA LYS B 65 -15.74 -36.53 5.73
C LYS B 65 -16.71 -37.48 5.05
N GLU B 66 -16.68 -38.74 5.46
CA GLU B 66 -17.57 -39.77 4.92
C GLU B 66 -18.14 -40.58 6.06
N GLN B 67 -19.48 -40.65 6.11
CA GLN B 67 -20.19 -41.34 7.17
C GLN B 67 -19.73 -40.86 8.55
N GLY B 68 -19.71 -39.54 8.73
CA GLY B 68 -19.36 -38.94 10.02
C GLY B 68 -17.89 -38.92 10.37
N SER B 69 -17.08 -39.69 9.66
CA SER B 69 -15.66 -39.82 9.97
C SER B 69 -14.78 -38.97 9.06
N TRP B 70 -13.91 -38.17 9.68
CA TRP B 70 -12.93 -37.40 8.95
C TRP B 70 -11.84 -38.33 8.40
N GLY B 71 -11.17 -37.90 7.33
CA GLY B 71 -10.06 -38.66 6.79
C GLY B 71 -8.75 -38.03 7.22
N ARG B 72 -7.67 -38.40 6.53
CA ARG B 72 -6.36 -37.82 6.78
C ARG B 72 -6.30 -36.34 6.42
N GLU B 73 -5.94 -35.51 7.39
CA GLU B 73 -5.79 -34.08 7.13
C GLU B 73 -4.59 -33.81 6.20
N GLU B 74 -4.81 -32.98 5.19
CA GLU B 74 -3.68 -32.41 4.47
C GLU B 74 -3.52 -30.99 4.98
N ARG B 75 -2.30 -30.46 5.01
CA ARG B 75 -2.12 -29.05 5.36
C ARG B 75 -1.37 -28.27 4.27
N GLY B 76 -1.78 -27.03 4.04
CA GLY B 76 -1.07 -26.20 3.10
C GLY B 76 0.25 -25.72 3.66
N PRO B 77 1.11 -25.14 2.80
CA PRO B 77 2.32 -24.45 3.23
C PRO B 77 2.03 -23.06 3.79
N GLY B 78 2.26 -22.88 5.09
CA GLY B 78 2.02 -21.59 5.72
C GLY B 78 0.57 -21.16 5.72
N VAL B 79 0.32 -19.97 6.26
CA VAL B 79 -1.04 -19.42 6.38
C VAL B 79 -1.14 -18.08 5.66
N PRO B 80 -1.75 -18.08 4.46
CA PRO B 80 -1.88 -16.86 3.65
C PRO B 80 -3.03 -15.95 4.09
N PHE B 81 -3.37 -15.97 5.37
CA PHE B 81 -4.43 -15.12 5.86
C PHE B 81 -3.93 -14.34 7.06
N GLN B 82 -4.46 -13.13 7.26
CA GLN B 82 -4.08 -12.31 8.41
C GLN B 82 -5.29 -11.59 9.01
N ARG B 83 -5.33 -11.47 10.33
CA ARG B 83 -6.43 -10.76 11.01
C ARG B 83 -6.44 -9.29 10.63
N GLY B 84 -7.63 -8.78 10.34
CA GLY B 84 -7.79 -7.40 9.87
C GLY B 84 -7.36 -7.23 8.43
N GLN B 85 -7.18 -8.33 7.71
CA GLN B 85 -6.70 -8.28 6.32
C GLN B 85 -7.64 -8.95 5.32
N PRO B 86 -7.93 -8.27 4.20
CA PRO B 86 -8.81 -8.82 3.16
C PRO B 86 -8.16 -10.02 2.48
N PHE B 87 -8.95 -10.88 1.85
CA PHE B 87 -8.40 -12.01 1.12
C PHE B 87 -9.23 -12.34 -0.10
N GLU B 88 -8.70 -13.19 -0.96
CA GLU B 88 -9.46 -13.69 -2.09
C GLU B 88 -9.08 -15.13 -2.34
N VAL B 89 -10.08 -16.00 -2.39
CA VAL B 89 -9.85 -17.42 -2.57
C VAL B 89 -10.57 -17.92 -3.82
N LEU B 90 -9.86 -18.69 -4.63
CA LEU B 90 -10.51 -19.56 -5.59
C LEU B 90 -10.42 -21.02 -5.18
N ILE B 91 -11.55 -21.69 -5.24
CA ILE B 91 -11.57 -23.13 -5.21
C ILE B 91 -12.01 -23.59 -6.59
N ILE B 92 -11.11 -24.24 -7.31
CA ILE B 92 -11.37 -24.68 -8.68
C ILE B 92 -11.49 -26.18 -8.80
N ALA B 93 -12.59 -26.65 -9.40
CA ALA B 93 -12.87 -28.08 -9.57
C ALA B 93 -12.36 -28.62 -10.91
N SER B 94 -11.56 -29.68 -10.83
CA SER B 94 -10.99 -30.35 -11.99
C SER B 94 -11.59 -31.74 -12.11
N ASP B 95 -11.02 -32.54 -13.00
CA ASP B 95 -11.38 -33.95 -13.08
C ASP B 95 -10.68 -34.74 -12.00
N ASP B 96 -9.57 -34.22 -11.50
CA ASP B 96 -8.72 -35.03 -10.63
C ASP B 96 -8.59 -34.48 -9.22
N GLY B 97 -9.11 -33.27 -8.99
CA GLY B 97 -9.11 -32.70 -7.66
C GLY B 97 -9.61 -31.27 -7.58
N PHE B 98 -9.41 -30.64 -6.44
CA PHE B 98 -9.74 -29.23 -6.24
C PHE B 98 -8.45 -28.47 -6.09
N LYS B 99 -8.31 -27.38 -6.84
CA LYS B 99 -7.22 -26.46 -6.63
C LYS B 99 -7.66 -25.28 -5.79
N ALA B 100 -6.87 -24.95 -4.78
CA ALA B 100 -7.16 -23.81 -3.94
C ALA B 100 -6.15 -22.73 -4.21
N VAL B 101 -6.66 -21.54 -4.50
CA VAL B 101 -5.82 -20.42 -4.87
C VAL B 101 -6.05 -19.28 -3.91
N VAL B 102 -4.97 -18.73 -3.37
CA VAL B 102 -5.10 -17.58 -2.49
C VAL B 102 -4.34 -16.40 -3.04
N GLY B 103 -5.00 -15.25 -3.10
CA GLY B 103 -4.37 -14.08 -3.67
C GLY B 103 -3.92 -14.39 -5.08
N ASP B 104 -2.62 -14.29 -5.33
CA ASP B 104 -2.08 -14.48 -6.67
C ASP B 104 -1.40 -15.81 -6.93
N ALA B 105 -1.48 -16.75 -5.99
CA ALA B 105 -0.70 -17.96 -6.16
C ALA B 105 -1.46 -19.23 -5.85
N GLN B 106 -1.22 -20.27 -6.64
CA GLN B 106 -1.76 -21.58 -6.38
C GLN B 106 -1.29 -22.07 -5.00
N TYR B 107 -2.21 -22.29 -4.07
CA TYR B 107 -1.83 -22.61 -2.69
C TYR B 107 -1.72 -24.11 -2.42
N HIS B 108 -2.64 -24.90 -2.95
CA HIS B 108 -2.72 -26.32 -2.58
C HIS B 108 -3.60 -27.08 -3.55
N HIS B 109 -3.31 -28.36 -3.72
CA HIS B 109 -4.12 -29.20 -4.56
C HIS B 109 -4.65 -30.38 -3.78
N PHE B 110 -5.96 -30.55 -3.78
CA PHE B 110 -6.62 -31.59 -3.00
C PHE B 110 -7.34 -32.53 -3.95
N ARG B 111 -6.74 -33.70 -4.19
CA ARG B 111 -7.33 -34.68 -5.08
C ARG B 111 -8.66 -35.19 -4.52
N HIS B 112 -9.58 -35.52 -5.41
CA HIS B 112 -10.89 -36.00 -5.01
C HIS B 112 -10.78 -37.30 -4.19
N ARG B 113 -11.62 -37.43 -3.17
CA ARG B 113 -11.76 -38.68 -2.44
C ARG B 113 -13.18 -39.20 -2.63
N LEU B 114 -14.12 -38.27 -2.74
CA LEU B 114 -15.49 -38.59 -3.10
C LEU B 114 -15.72 -38.02 -4.51
N PRO B 115 -16.52 -38.70 -5.34
CA PRO B 115 -16.74 -38.20 -6.70
C PRO B 115 -17.38 -36.82 -6.72
N LEU B 116 -16.80 -35.90 -7.50
CA LEU B 116 -17.28 -34.52 -7.63
C LEU B 116 -18.78 -34.41 -7.89
N ALA B 117 -19.35 -35.43 -8.52
CA ALA B 117 -20.75 -35.43 -8.91
C ALA B 117 -21.71 -35.55 -7.73
N ARG B 118 -21.19 -35.77 -6.54
CA ARG B 118 -22.05 -35.89 -5.38
C ARG B 118 -22.26 -34.55 -4.70
N VAL B 119 -21.38 -33.59 -4.99
CA VAL B 119 -21.46 -32.29 -4.35
C VAL B 119 -22.80 -31.63 -4.68
N ARG B 120 -23.45 -31.04 -3.69
CA ARG B 120 -24.76 -30.41 -3.86
C ARG B 120 -24.95 -29.12 -3.07
N LEU B 121 -23.91 -28.72 -2.34
CA LEU B 121 -24.01 -27.55 -1.47
C LEU B 121 -22.65 -26.97 -1.16
N VAL B 122 -22.61 -25.65 -1.05
CA VAL B 122 -21.39 -24.94 -0.67
C VAL B 122 -21.70 -24.06 0.52
N GLU B 123 -20.93 -24.23 1.57
CA GLU B 123 -21.14 -23.46 2.78
C GLU B 123 -19.89 -22.75 3.23
N VAL B 124 -20.03 -21.47 3.52
CA VAL B 124 -18.93 -20.64 4.00
C VAL B 124 -19.35 -20.09 5.35
N GLY B 125 -18.56 -20.40 6.39
CA GLY B 125 -18.91 -20.02 7.73
C GLY B 125 -17.75 -19.72 8.64
N GLY B 126 -18.06 -19.31 9.86
CA GLY B 126 -17.06 -19.01 10.87
C GLY B 126 -16.69 -17.55 10.99
N ASP B 127 -15.54 -17.29 11.62
CA ASP B 127 -15.05 -15.94 11.80
C ASP B 127 -14.51 -15.39 10.47
N VAL B 128 -15.40 -14.80 9.70
CA VAL B 128 -15.02 -14.22 8.42
C VAL B 128 -16.08 -13.22 8.03
N GLN B 129 -15.63 -12.10 7.47
CA GLN B 129 -16.53 -11.12 6.89
C GLN B 129 -16.64 -11.46 5.41
N LEU B 130 -17.84 -11.69 4.91
CA LEU B 130 -17.97 -12.00 3.49
C LEU B 130 -18.36 -10.77 2.70
N ASP B 131 -17.60 -10.47 1.65
CA ASP B 131 -17.95 -9.39 0.73
C ASP B 131 -18.74 -9.95 -0.42
N SER B 132 -18.22 -11.02 -1.02
CA SER B 132 -18.95 -11.72 -2.06
C SER B 132 -18.54 -13.18 -2.12
N VAL B 133 -19.50 -14.01 -2.49
CA VAL B 133 -19.30 -15.39 -2.81
C VAL B 133 -19.92 -15.64 -4.18
N ARG B 134 -19.14 -16.17 -5.11
CA ARG B 134 -19.70 -16.48 -6.40
C ARG B 134 -19.33 -17.88 -6.82
N ILE B 135 -20.26 -18.55 -7.49
CA ILE B 135 -19.95 -19.85 -8.07
C ILE B 135 -20.13 -19.77 -9.60
N PHE B 136 -19.03 -19.98 -10.32
CA PHE B 136 -19.07 -19.90 -11.76
C PHE B 136 -19.01 -21.30 -12.37
N PRO C 5 -5.97 -2.42 22.77
CA PRO C 5 -6.03 -0.95 22.86
C PRO C 5 -5.34 -0.29 21.67
N HIS C 6 -4.74 0.88 21.90
CA HIS C 6 -3.93 1.55 20.88
C HIS C 6 -3.05 2.65 21.47
N LYS C 7 -1.78 2.66 21.07
CA LYS C 7 -0.87 3.74 21.41
C LYS C 7 -0.16 4.26 20.17
N SER C 8 0.11 5.56 20.15
CA SER C 8 0.88 6.19 19.07
C SER C 8 1.76 7.25 19.67
N SER C 9 3.08 7.06 19.62
CA SER C 9 3.96 8.01 20.28
C SER C 9 4.26 9.18 19.37
N LEU C 10 4.40 10.35 19.98
CA LEU C 10 4.68 11.58 19.26
C LEU C 10 5.85 12.29 19.91
N PRO C 11 7.06 11.70 19.79
CA PRO C 11 8.24 12.23 20.48
C PRO C 11 8.49 13.68 20.11
N GLU C 12 8.11 14.04 18.88
CA GLU C 12 8.32 15.38 18.36
C GLU C 12 7.12 16.29 18.64
N GLY C 13 6.14 15.77 19.37
CA GLY C 13 5.00 16.55 19.80
C GLY C 13 4.04 16.90 18.69
N ILE C 14 3.07 17.75 19.00
CA ILE C 14 2.13 18.24 17.99
C ILE C 14 1.96 19.75 18.07
N ARG C 15 1.49 20.31 16.96
CA ARG C 15 1.44 21.77 16.81
C ARG C 15 0.09 22.21 16.30
N PRO C 16 -0.21 23.51 16.40
CA PRO C 16 -1.48 23.97 15.83
C PRO C 16 -1.66 23.52 14.37
N GLY C 17 -2.84 23.02 14.05
CA GLY C 17 -3.09 22.47 12.73
C GLY C 17 -2.71 21.01 12.62
N THR C 18 -2.94 20.28 13.69
CA THR C 18 -2.69 18.85 13.69
C THR C 18 -4.04 18.16 13.74
N VAL C 19 -4.22 17.15 12.88
CA VAL C 19 -5.46 16.40 12.89
C VAL C 19 -5.24 14.95 13.37
N LEU C 20 -5.99 14.56 14.39
CA LEU C 20 -6.06 13.17 14.83
C LEU C 20 -7.33 12.57 14.26
N ARG C 21 -7.20 11.56 13.41
CA ARG C 21 -8.37 10.93 12.81
C ARG C 21 -8.53 9.53 13.37
N ILE C 22 -9.67 9.27 14.00
CA ILE C 22 -9.97 7.97 14.56
C ILE C 22 -11.15 7.33 13.88
N ARG C 23 -10.91 6.21 13.21
CA ARG C 23 -11.98 5.51 12.54
C ARG C 23 -12.23 4.17 13.22
N GLY C 24 -13.48 3.90 13.58
CA GLY C 24 -13.76 2.68 14.32
C GLY C 24 -15.23 2.30 14.41
N LEU C 25 -15.51 1.33 15.27
CA LEU C 25 -16.86 0.81 15.44
C LEU C 25 -17.18 0.63 16.90
N VAL C 26 -18.28 1.22 17.34
CA VAL C 26 -18.74 1.02 18.71
C VAL C 26 -19.32 -0.39 18.87
N PRO C 27 -18.72 -1.21 19.73
CA PRO C 27 -19.19 -2.57 20.03
C PRO C 27 -20.64 -2.60 20.53
N PRO C 28 -21.41 -3.62 20.13
CA PRO C 28 -22.84 -3.78 20.44
C PRO C 28 -23.17 -3.79 21.94
N ASN C 29 -22.22 -4.13 22.79
CA ASN C 29 -22.46 -4.12 24.23
C ASN C 29 -21.49 -3.19 24.94
N ALA C 30 -20.95 -2.24 24.19
CA ALA C 30 -19.97 -1.32 24.73
C ALA C 30 -20.59 -0.47 25.82
N SER C 31 -19.76 -0.06 26.78
CA SER C 31 -20.22 0.88 27.78
C SER C 31 -19.64 2.24 27.47
N ARG C 32 -18.32 2.32 27.38
CA ARG C 32 -17.67 3.56 26.98
C ARG C 32 -16.26 3.32 26.41
N PHE C 33 -15.72 4.32 25.74
CA PHE C 33 -14.33 4.27 25.28
C PHE C 33 -13.73 5.67 25.43
N HIS C 34 -12.41 5.80 25.28
CA HIS C 34 -11.77 7.11 25.48
C HIS C 34 -10.58 7.41 24.54
N VAL C 35 -10.27 8.70 24.41
CA VAL C 35 -9.13 9.12 23.63
C VAL C 35 -8.34 10.10 24.46
N ASN C 36 -7.09 9.73 24.76
CA ASN C 36 -6.25 10.57 25.60
C ASN C 36 -5.08 11.14 24.84
N LEU C 37 -4.81 12.42 25.08
CA LEU C 37 -3.58 13.06 24.66
C LEU C 37 -2.73 13.28 25.89
N LEU C 38 -1.68 12.48 25.99
CA LEU C 38 -0.84 12.38 27.18
C LEU C 38 0.47 13.10 27.02
N CYS C 39 1.08 13.46 28.15
CA CYS C 39 2.28 14.27 28.14
C CYS C 39 3.53 13.43 28.26
N GLY C 40 3.35 12.12 28.25
CA GLY C 40 4.47 11.23 28.49
C GLY C 40 4.11 9.76 28.56
N GLU C 41 5.16 8.94 28.61
CA GLU C 41 5.01 7.49 28.58
C GLU C 41 4.63 6.89 29.92
N GLU C 42 5.10 7.50 31.01
CA GLU C 42 4.91 6.91 32.32
C GLU C 42 3.44 6.82 32.73
N GLN C 43 3.20 6.12 33.84
CA GLN C 43 1.86 5.92 34.34
C GLN C 43 1.34 7.19 35.01
N GLY C 44 0.04 7.45 34.82
CA GLY C 44 -0.57 8.64 35.40
C GLY C 44 -0.03 9.94 34.82
N SER C 45 0.54 9.85 33.62
CA SER C 45 1.01 11.04 32.89
C SER C 45 -0.10 12.07 32.72
N ASP C 46 0.25 13.35 32.78
CA ASP C 46 -0.73 14.41 32.56
C ASP C 46 -1.44 14.26 31.22
N ALA C 47 -2.72 14.59 31.23
CA ALA C 47 -3.52 14.48 30.03
C ALA C 47 -3.97 15.88 29.62
N ALA C 48 -3.44 16.32 28.49
CA ALA C 48 -3.89 17.56 27.90
C ALA C 48 -5.36 17.43 27.52
N LEU C 49 -5.76 16.23 27.11
CA LEU C 49 -7.14 15.97 26.69
C LEU C 49 -7.59 14.53 26.98
N HIS C 50 -8.73 14.40 27.63
CA HIS C 50 -9.42 13.11 27.84
C HIS C 50 -10.76 13.23 27.13
N PHE C 51 -10.99 12.44 26.09
CA PHE C 51 -12.22 12.46 25.31
C PHE C 51 -12.97 11.15 25.50
N ASN C 52 -14.17 11.22 26.07
CA ASN C 52 -14.82 10.02 26.60
C ASN C 52 -16.31 9.87 26.27
N PRO C 53 -16.62 9.20 25.15
CA PRO C 53 -17.99 8.79 24.84
C PRO C 53 -18.49 7.72 25.80
N ARG C 54 -19.62 7.99 26.46
CA ARG C 54 -20.24 7.00 27.34
C ARG C 54 -21.61 6.62 26.84
N LEU C 55 -21.74 5.39 26.36
CA LEU C 55 -23.00 4.89 25.85
C LEU C 55 -23.85 4.24 26.94
N ASP C 56 -23.38 4.31 28.19
CA ASP C 56 -24.20 3.92 29.34
C ASP C 56 -24.96 5.13 29.88
N THR C 57 -24.27 6.24 30.05
CA THR C 57 -24.87 7.44 30.63
C THR C 57 -25.19 8.52 29.58
N SER C 58 -25.27 8.07 28.32
CA SER C 58 -25.60 8.92 27.18
C SER C 58 -24.96 10.31 27.25
N GLU C 59 -23.65 10.37 27.45
CA GLU C 59 -22.92 11.64 27.46
C GLU C 59 -21.56 11.51 26.76
N VAL C 60 -20.88 12.64 26.58
CA VAL C 60 -19.50 12.64 26.09
C VAL C 60 -18.70 13.61 26.94
N VAL C 61 -17.82 13.07 27.80
CA VAL C 61 -17.09 13.89 28.75
C VAL C 61 -15.74 14.36 28.20
N PHE C 62 -15.44 15.64 28.41
CA PHE C 62 -14.13 16.20 28.17
C PHE C 62 -13.44 16.60 29.48
N ASN C 63 -12.16 16.29 29.64
CA ASN C 63 -11.46 16.70 30.85
C ASN C 63 -9.94 16.76 30.65
N SER C 64 -9.22 17.31 31.63
CA SER C 64 -7.77 17.25 31.67
C SER C 64 -7.32 16.51 32.94
N LYS C 65 -6.05 16.13 33.01
CA LYS C 65 -5.51 15.53 34.24
C LYS C 65 -4.12 16.07 34.55
N GLU C 66 -3.94 16.59 35.77
CA GLU C 66 -2.64 17.05 36.25
C GLU C 66 -2.32 16.53 37.65
N GLN C 67 -1.06 16.15 37.90
CA GLN C 67 -0.65 15.60 39.19
C GLN C 67 -1.53 14.45 39.62
N GLY C 68 -1.91 13.59 38.69
CA GLY C 68 -2.80 12.49 39.00
C GLY C 68 -4.28 12.77 39.27
N SER C 69 -4.69 14.04 39.28
CA SER C 69 -6.08 14.45 39.56
C SER C 69 -6.85 15.02 38.34
N TRP C 70 -8.08 14.55 38.14
CA TRP C 70 -8.92 15.11 37.07
C TRP C 70 -9.32 16.55 37.38
N GLY C 71 -9.50 17.34 36.33
CA GLY C 71 -9.92 18.72 36.48
C GLY C 71 -11.42 18.79 36.34
N ARG C 72 -11.96 20.00 36.15
CA ARG C 72 -13.38 20.16 35.98
C ARG C 72 -13.86 19.65 34.62
N GLU C 73 -14.90 18.82 34.63
CA GLU C 73 -15.35 18.23 33.40
C GLU C 73 -16.13 19.21 32.52
N GLU C 74 -16.02 19.03 31.20
CA GLU C 74 -16.93 19.65 30.25
C GLU C 74 -17.69 18.52 29.55
N ARG C 75 -18.90 18.82 29.10
CA ARG C 75 -19.71 17.85 28.38
C ARG C 75 -20.25 18.50 27.11
N GLY C 76 -20.51 17.68 26.09
CA GLY C 76 -21.15 18.15 24.88
C GLY C 76 -22.55 17.58 24.78
N PRO C 77 -23.30 17.96 23.72
CA PRO C 77 -24.70 17.56 23.45
C PRO C 77 -24.93 16.06 23.19
N GLY C 78 -25.50 15.38 24.17
CA GLY C 78 -25.88 13.98 24.01
C GLY C 78 -24.76 13.01 23.61
N VAL C 79 -25.01 12.21 22.58
CA VAL C 79 -24.01 11.27 22.08
C VAL C 79 -24.17 11.04 20.60
N PRO C 80 -23.20 11.50 19.79
CA PRO C 80 -23.19 11.23 18.35
C PRO C 80 -22.65 9.84 18.04
N PHE C 81 -22.82 8.91 18.97
CA PHE C 81 -22.40 7.53 18.74
C PHE C 81 -23.53 6.58 19.08
N GLN C 82 -23.43 5.37 18.58
CA GLN C 82 -24.48 4.38 18.76
C GLN C 82 -23.85 3.01 18.82
N ARG C 83 -24.32 2.17 19.73
CA ARG C 83 -23.84 0.79 19.83
C ARG C 83 -24.03 0.04 18.51
N GLY C 84 -22.95 -0.52 17.97
CA GLY C 84 -23.06 -1.34 16.77
C GLY C 84 -22.78 -0.59 15.49
N GLN C 85 -22.51 0.71 15.61
CA GLN C 85 -22.37 1.55 14.42
C GLN C 85 -20.96 2.08 14.29
N PRO C 86 -20.49 2.23 13.04
CA PRO C 86 -19.21 2.88 12.71
C PRO C 86 -19.23 4.37 13.03
N PHE C 87 -18.06 4.90 13.35
CA PHE C 87 -17.94 6.31 13.64
C PHE C 87 -16.61 6.81 13.11
N GLU C 88 -16.51 8.12 12.98
CA GLU C 88 -15.29 8.75 12.52
C GLU C 88 -15.16 10.09 13.22
N VAL C 89 -14.11 10.24 14.00
CA VAL C 89 -13.93 11.42 14.82
C VAL C 89 -12.67 12.18 14.41
N LEU C 90 -12.76 13.50 14.39
CA LEU C 90 -11.57 14.32 14.20
C LEU C 90 -11.29 15.11 15.45
N ILE C 91 -10.06 15.03 15.95
CA ILE C 91 -9.66 15.92 17.01
C ILE C 91 -8.60 16.83 16.41
N ILE C 92 -8.90 18.11 16.35
CA ILE C 92 -8.08 19.08 15.63
C ILE C 92 -7.47 20.09 16.60
N ALA C 93 -6.14 20.11 16.66
CA ALA C 93 -5.43 21.08 17.47
C ALA C 93 -5.31 22.43 16.76
N SER C 94 -5.71 23.49 17.45
CA SER C 94 -5.45 24.85 17.01
C SER C 94 -4.68 25.59 18.09
N ASP C 95 -4.76 26.92 18.06
CA ASP C 95 -4.05 27.78 18.98
C ASP C 95 -4.80 27.91 20.29
N ASP C 96 -6.12 27.81 20.22
CA ASP C 96 -6.96 28.02 21.39
C ASP C 96 -7.36 26.72 22.07
N GLY C 97 -7.37 25.62 21.31
CA GLY C 97 -7.86 24.38 21.88
C GLY C 97 -8.03 23.22 20.94
N PHE C 98 -8.83 22.26 21.35
CA PHE C 98 -9.13 21.12 20.49
C PHE C 98 -10.58 21.21 20.04
N LYS C 99 -10.80 21.05 18.73
CA LYS C 99 -12.14 20.88 18.18
C LYS C 99 -12.41 19.40 17.96
N ALA C 100 -13.57 18.93 18.41
CA ALA C 100 -13.98 17.56 18.16
C ALA C 100 -15.07 17.54 17.11
N VAL C 101 -14.78 16.85 16.01
CA VAL C 101 -15.75 16.70 14.95
C VAL C 101 -16.18 15.24 14.92
N VAL C 102 -17.48 15.02 14.97
CA VAL C 102 -18.00 13.67 14.85
C VAL C 102 -18.85 13.61 13.60
N GLY C 103 -18.66 12.57 12.80
CA GLY C 103 -19.38 12.45 11.54
C GLY C 103 -19.19 13.66 10.65
N ASP C 104 -20.28 14.38 10.41
CA ASP C 104 -20.26 15.52 9.50
C ASP C 104 -20.34 16.87 10.19
N ALA C 105 -20.18 16.90 11.51
CA ALA C 105 -20.43 18.13 12.24
C ALA C 105 -19.59 18.33 13.51
N GLN C 106 -19.20 19.59 13.69
CA GLN C 106 -18.48 20.04 14.85
C GLN C 106 -19.25 19.64 16.11
N TYR C 107 -18.55 19.11 17.11
CA TYR C 107 -19.27 18.63 18.27
C TYR C 107 -18.95 19.43 19.53
N HIS C 108 -17.69 19.83 19.71
CA HIS C 108 -17.31 20.55 20.91
C HIS C 108 -15.96 21.23 20.79
N HIS C 109 -15.77 22.36 21.44
CA HIS C 109 -14.46 23.00 21.48
C HIS C 109 -13.91 23.00 22.91
N PHE C 110 -12.73 22.41 23.08
CA PHE C 110 -12.13 22.22 24.41
C PHE C 110 -10.87 23.08 24.48
N ARG C 111 -10.94 24.16 25.23
CA ARG C 111 -9.83 25.09 25.28
C ARG C 111 -8.66 24.47 26.02
N HIS C 112 -7.44 24.79 25.58
CA HIS C 112 -6.27 24.22 26.21
C HIS C 112 -6.29 24.53 27.71
N ARG C 113 -5.81 23.56 28.50
CA ARG C 113 -5.65 23.77 29.93
C ARG C 113 -4.18 23.58 30.28
N LEU C 114 -3.54 22.74 29.47
CA LEU C 114 -2.12 22.47 29.53
C LEU C 114 -1.52 22.87 28.19
N PRO C 115 -0.25 23.32 28.17
CA PRO C 115 0.34 23.66 26.87
C PRO C 115 0.31 22.50 25.89
N LEU C 116 -0.18 22.77 24.68
CA LEU C 116 -0.14 21.80 23.58
C LEU C 116 1.29 21.29 23.34
N ALA C 117 2.27 22.10 23.70
CA ALA C 117 3.68 21.73 23.52
C ALA C 117 4.08 20.48 24.29
N ARG C 118 3.36 20.19 25.40
CA ARG C 118 3.71 19.09 26.30
C ARG C 118 3.25 17.72 25.82
N VAL C 119 2.36 17.69 24.84
CA VAL C 119 1.76 16.43 24.43
C VAL C 119 2.80 15.56 23.74
N ARG C 120 2.87 14.28 24.12
CA ARG C 120 3.90 13.37 23.61
C ARG C 120 3.30 12.06 23.11
N LEU C 121 2.02 11.87 23.35
CA LEU C 121 1.42 10.56 23.20
C LEU C 121 -0.10 10.65 22.98
N VAL C 122 -0.63 9.78 22.13
CA VAL C 122 -2.07 9.56 22.07
C VAL C 122 -2.37 8.10 22.40
N GLU C 123 -3.35 7.89 23.25
CA GLU C 123 -3.81 6.53 23.50
C GLU C 123 -5.31 6.43 23.29
N VAL C 124 -5.78 5.42 22.56
CA VAL C 124 -7.21 5.13 22.47
C VAL C 124 -7.54 3.84 23.21
N GLY C 125 -8.56 3.86 24.08
CA GLY C 125 -8.85 2.74 24.96
C GLY C 125 -10.33 2.49 25.24
N GLY C 126 -10.62 1.45 26.00
CA GLY C 126 -12.00 1.17 26.36
C GLY C 126 -12.74 0.32 25.36
N ASP C 127 -14.06 0.46 25.32
CA ASP C 127 -14.88 -0.46 24.55
C ASP C 127 -15.05 0.04 23.12
N VAL C 128 -14.01 -0.15 22.32
CA VAL C 128 -13.99 0.32 20.94
C VAL C 128 -13.22 -0.64 20.03
N GLN C 129 -13.72 -0.80 18.81
CA GLN C 129 -13.00 -1.53 17.77
C GLN C 129 -12.48 -0.53 16.75
N LEU C 130 -11.15 -0.46 16.64
CA LEU C 130 -10.51 0.56 15.82
C LEU C 130 -10.15 0.09 14.42
N ASP C 131 -10.76 0.72 13.42
CA ASP C 131 -10.33 0.51 12.04
C ASP C 131 -8.97 1.16 11.86
N SER C 132 -8.85 2.42 12.26
CA SER C 132 -7.59 3.14 12.14
C SER C 132 -7.46 4.34 13.08
N VAL C 133 -6.22 4.70 13.36
CA VAL C 133 -5.86 5.89 14.11
C VAL C 133 -4.67 6.56 13.43
N ARG C 134 -4.87 7.79 12.97
CA ARG C 134 -3.81 8.50 12.26
C ARG C 134 -3.64 9.91 12.83
N ILE C 135 -2.40 10.37 12.92
CA ILE C 135 -2.14 11.74 13.34
C ILE C 135 -1.50 12.49 12.16
N PHE C 136 -2.18 13.50 11.66
CA PHE C 136 -1.71 14.27 10.51
C PHE C 136 -1.16 15.63 10.92
N PRO D 5 -17.38 25.47 -11.30
CA PRO D 5 -16.46 25.80 -10.19
C PRO D 5 -17.21 26.02 -8.88
N HIS D 6 -16.96 25.15 -7.90
CA HIS D 6 -17.59 25.32 -6.59
C HIS D 6 -16.82 26.34 -5.77
N LYS D 7 -17.52 27.35 -5.26
CA LYS D 7 -16.84 28.36 -4.47
C LYS D 7 -17.30 28.37 -3.02
N SER D 8 -16.34 28.44 -2.11
CA SER D 8 -16.59 28.53 -0.67
C SER D 8 -15.97 29.78 -0.09
N SER D 9 -16.75 30.85 0.00
CA SER D 9 -16.25 32.13 0.47
C SER D 9 -15.87 32.06 1.93
N LEU D 10 -14.65 32.50 2.25
CA LEU D 10 -14.20 32.56 3.63
C LEU D 10 -13.73 33.96 4.01
N PRO D 11 -14.69 34.89 4.21
CA PRO D 11 -14.41 36.32 4.48
C PRO D 11 -13.52 36.56 5.70
N GLU D 12 -13.71 35.79 6.77
CA GLU D 12 -12.95 35.95 8.01
C GLU D 12 -11.60 35.28 7.93
N GLY D 13 -11.28 34.74 6.76
CA GLY D 13 -10.03 34.02 6.58
C GLY D 13 -10.02 32.64 7.23
N ILE D 14 -8.84 32.06 7.29
CA ILE D 14 -8.60 30.78 7.95
C ILE D 14 -7.33 30.92 8.76
N ARG D 15 -7.06 29.93 9.62
CA ARG D 15 -5.94 30.06 10.52
C ARG D 15 -5.36 28.67 10.86
N PRO D 16 -4.21 28.62 11.56
CA PRO D 16 -3.72 27.29 11.93
C PRO D 16 -4.81 26.49 12.66
N GLY D 17 -5.07 25.26 12.21
CA GLY D 17 -6.19 24.50 12.69
C GLY D 17 -7.33 24.34 11.72
N THR D 18 -7.45 25.25 10.75
CA THR D 18 -8.52 25.11 9.76
C THR D 18 -8.35 23.80 8.99
N VAL D 19 -9.43 23.05 8.86
CA VAL D 19 -9.39 21.83 8.09
C VAL D 19 -10.40 21.91 6.95
N LEU D 20 -9.92 21.69 5.74
CA LEU D 20 -10.74 21.60 4.55
C LEU D 20 -10.97 20.13 4.18
N ARG D 21 -12.21 19.69 4.17
CA ARG D 21 -12.49 18.29 3.82
C ARG D 21 -13.33 18.15 2.56
N ILE D 22 -12.70 17.58 1.55
CA ILE D 22 -13.32 17.46 0.24
C ILE D 22 -13.59 16.02 -0.09
N ARG D 23 -14.86 15.72 -0.32
CA ARG D 23 -15.26 14.40 -0.77
C ARG D 23 -15.86 14.49 -2.16
N GLY D 24 -15.37 13.64 -3.05
CA GLY D 24 -15.83 13.67 -4.41
C GLY D 24 -15.68 12.35 -5.11
N LEU D 25 -15.89 12.39 -6.43
CA LEU D 25 -15.70 11.24 -7.28
C LEU D 25 -14.96 11.72 -8.52
N VAL D 26 -13.89 11.03 -8.89
CA VAL D 26 -13.21 11.31 -10.15
C VAL D 26 -14.00 10.65 -11.28
N PRO D 27 -14.63 11.45 -12.15
CA PRO D 27 -15.44 10.88 -13.22
C PRO D 27 -14.60 10.08 -14.21
N PRO D 28 -15.17 9.00 -14.78
CA PRO D 28 -14.43 8.04 -15.60
C PRO D 28 -13.69 8.64 -16.82
N ASN D 29 -14.06 9.86 -17.20
CA ASN D 29 -13.57 10.52 -18.40
C ASN D 29 -12.58 11.63 -18.04
N ALA D 30 -12.55 11.96 -16.75
CA ALA D 30 -11.73 13.04 -16.21
C ALA D 30 -10.30 13.10 -16.72
N SER D 31 -9.81 14.31 -16.94
CA SER D 31 -8.41 14.51 -17.27
C SER D 31 -7.67 15.09 -16.07
N ARG D 32 -8.34 16.00 -15.36
CA ARG D 32 -7.77 16.60 -14.15
C ARG D 32 -8.77 17.49 -13.44
N PHE D 33 -8.46 17.82 -12.18
CA PHE D 33 -9.22 18.80 -11.44
C PHE D 33 -8.28 19.58 -10.50
N HIS D 34 -8.80 20.58 -9.81
CA HIS D 34 -7.98 21.38 -8.93
C HIS D 34 -8.72 21.87 -7.69
N VAL D 35 -7.94 22.16 -6.65
CA VAL D 35 -8.47 22.87 -5.50
C VAL D 35 -7.56 24.06 -5.30
N ASN D 36 -8.15 25.24 -5.21
CA ASN D 36 -7.37 26.44 -5.02
C ASN D 36 -7.76 27.15 -3.74
N LEU D 37 -6.74 27.62 -3.02
CA LEU D 37 -6.96 28.56 -1.95
C LEU D 37 -6.55 29.95 -2.44
N LEU D 38 -7.55 30.81 -2.67
CA LEU D 38 -7.33 32.14 -3.22
C LEU D 38 -7.40 33.26 -2.16
N CYS D 39 -6.74 34.38 -2.46
CA CYS D 39 -6.70 35.51 -1.55
C CYS D 39 -7.82 36.55 -1.76
N GLY D 40 -8.76 36.27 -2.66
CA GLY D 40 -9.80 37.23 -3.00
C GLY D 40 -10.82 36.64 -3.96
N GLU D 41 -11.88 37.39 -4.23
CA GLU D 41 -12.97 36.91 -5.07
C GLU D 41 -12.79 37.31 -6.55
N GLU D 42 -11.91 38.29 -6.81
CA GLU D 42 -11.72 38.81 -8.16
C GLU D 42 -10.88 37.89 -9.05
N GLN D 43 -11.06 38.00 -10.37
CA GLN D 43 -10.36 37.15 -11.32
C GLN D 43 -8.85 37.35 -11.22
N GLY D 44 -8.10 36.24 -11.20
CA GLY D 44 -6.66 36.31 -11.11
C GLY D 44 -6.15 36.63 -9.73
N SER D 45 -7.04 36.63 -8.73
CA SER D 45 -6.60 36.70 -7.32
C SER D 45 -5.47 35.72 -7.05
N ASP D 46 -4.53 36.14 -6.21
CA ASP D 46 -3.39 35.31 -5.78
C ASP D 46 -3.82 33.97 -5.20
N ALA D 47 -3.11 32.90 -5.57
CA ALA D 47 -3.39 31.56 -5.08
C ALA D 47 -2.37 31.12 -4.05
N ALA D 48 -2.77 31.08 -2.78
CA ALA D 48 -1.86 30.59 -1.74
C ALA D 48 -1.48 29.14 -1.99
N LEU D 49 -2.43 28.38 -2.53
CA LEU D 49 -2.23 26.98 -2.81
C LEU D 49 -3.03 26.56 -4.03
N HIS D 50 -2.34 25.96 -5.00
CA HIS D 50 -2.95 25.36 -6.17
C HIS D 50 -2.71 23.87 -6.07
N PHE D 51 -3.78 23.10 -5.89
CA PHE D 51 -3.64 21.66 -5.67
C PHE D 51 -4.29 20.94 -6.83
N ASN D 52 -3.49 20.25 -7.64
CA ASN D 52 -3.93 19.86 -8.98
C ASN D 52 -3.65 18.42 -9.35
N PRO D 53 -4.51 17.49 -8.91
CA PRO D 53 -4.46 16.10 -9.39
C PRO D 53 -4.69 15.97 -10.91
N ARG D 54 -3.70 15.39 -11.59
CA ARG D 54 -3.76 15.18 -13.03
C ARG D 54 -3.76 13.69 -13.34
N LEU D 55 -4.83 13.21 -13.95
CA LEU D 55 -4.92 11.79 -14.27
C LEU D 55 -4.45 11.52 -15.68
N ASP D 56 -4.20 12.59 -16.43
CA ASP D 56 -3.86 12.46 -17.86
C ASP D 56 -2.36 12.42 -18.08
N THR D 57 -1.60 12.93 -17.12
CA THR D 57 -0.15 12.86 -17.18
C THR D 57 0.34 12.26 -15.87
N SER D 58 -0.55 11.48 -15.25
CA SER D 58 -0.37 10.84 -13.94
C SER D 58 0.61 11.57 -13.03
N GLU D 59 0.18 12.71 -12.51
CA GLU D 59 0.94 13.47 -11.54
C GLU D 59 -0.04 14.24 -10.64
N VAL D 60 0.42 14.71 -9.49
CA VAL D 60 -0.33 15.75 -8.79
C VAL D 60 0.64 16.86 -8.42
N VAL D 61 0.22 18.08 -8.70
CA VAL D 61 1.11 19.23 -8.71
C VAL D 61 0.65 20.21 -7.65
N PHE D 62 1.62 20.83 -6.97
CA PHE D 62 1.38 21.86 -5.97
C PHE D 62 2.10 23.10 -6.45
N ASN D 63 1.48 24.27 -6.30
CA ASN D 63 2.15 25.52 -6.60
C ASN D 63 1.41 26.67 -5.94
N SER D 64 2.04 27.83 -5.89
CA SER D 64 1.36 29.07 -5.51
C SER D 64 1.24 29.98 -6.75
N LYS D 65 0.46 31.06 -6.65
CA LYS D 65 0.44 32.07 -7.73
C LYS D 65 0.35 33.48 -7.17
N GLU D 66 1.31 34.32 -7.54
CA GLU D 66 1.41 35.70 -7.07
C GLU D 66 1.57 36.67 -8.24
N GLN D 67 0.76 37.72 -8.27
CA GLN D 67 0.84 38.73 -9.32
C GLN D 67 0.69 38.11 -10.70
N GLY D 68 -0.22 37.14 -10.78
CA GLY D 68 -0.44 36.38 -12.00
C GLY D 68 0.73 35.55 -12.51
N SER D 69 1.70 35.24 -11.65
CA SER D 69 2.82 34.39 -12.04
C SER D 69 2.91 33.12 -11.19
N TRP D 70 2.98 31.95 -11.84
CA TRP D 70 3.18 30.70 -11.11
C TRP D 70 4.52 30.72 -10.42
N GLY D 71 4.61 30.04 -9.27
CA GLY D 71 5.88 29.85 -8.61
C GLY D 71 6.43 28.46 -8.91
N ARG D 72 7.38 28.01 -8.09
CA ARG D 72 7.99 26.70 -8.25
C ARG D 72 6.97 25.57 -8.06
N GLU D 73 7.02 24.55 -8.93
CA GLU D 73 6.11 23.40 -8.77
C GLU D 73 6.67 22.41 -7.76
N GLU D 74 5.78 21.81 -6.96
CA GLU D 74 6.16 20.68 -6.12
C GLU D 74 5.28 19.49 -6.51
N ARG D 75 5.83 18.29 -6.45
CA ARG D 75 5.06 17.10 -6.80
C ARG D 75 5.13 16.04 -5.69
N GLY D 76 4.07 15.24 -5.62
CA GLY D 76 4.04 14.18 -4.64
C GLY D 76 4.35 12.86 -5.31
N PRO D 77 4.96 11.94 -4.57
CA PRO D 77 5.17 10.60 -5.11
C PRO D 77 3.83 9.87 -5.20
N GLY D 78 3.49 9.36 -6.38
CA GLY D 78 2.27 8.61 -6.52
C GLY D 78 1.05 9.50 -6.65
N VAL D 79 0.05 9.01 -7.39
CA VAL D 79 -1.18 9.75 -7.64
C VAL D 79 -2.39 9.01 -7.07
N PRO D 80 -2.76 9.30 -5.82
CA PRO D 80 -3.85 8.58 -5.15
C PRO D 80 -5.23 8.96 -5.69
N PHE D 81 -5.37 8.97 -7.01
CA PHE D 81 -6.61 9.32 -7.69
C PHE D 81 -6.78 8.47 -8.95
N GLN D 82 -7.93 7.84 -9.09
CA GLN D 82 -8.20 7.02 -10.28
C GLN D 82 -9.61 7.27 -10.84
N ARG D 83 -9.75 7.10 -12.15
CA ARG D 83 -11.05 7.29 -12.81
C ARG D 83 -12.12 6.43 -12.17
N GLY D 84 -13.29 7.03 -11.94
CA GLY D 84 -14.44 6.33 -11.43
C GLY D 84 -14.35 6.05 -9.95
N GLN D 85 -13.28 6.48 -9.31
CA GLN D 85 -13.08 6.17 -7.89
C GLN D 85 -13.34 7.37 -7.00
N PRO D 86 -14.15 7.17 -5.94
CA PRO D 86 -14.40 8.20 -4.95
C PRO D 86 -13.14 8.53 -4.19
N PHE D 87 -13.04 9.72 -3.63
CA PHE D 87 -11.86 10.13 -2.90
C PHE D 87 -12.25 11.02 -1.72
N GLU D 88 -11.30 11.19 -0.81
CA GLU D 88 -11.43 12.13 0.30
C GLU D 88 -10.12 12.86 0.49
N VAL D 89 -10.14 14.17 0.29
CA VAL D 89 -8.96 14.99 0.53
C VAL D 89 -9.11 15.85 1.78
N LEU D 90 -8.06 15.88 2.60
CA LEU D 90 -7.93 16.87 3.66
C LEU D 90 -6.90 17.94 3.29
N ILE D 91 -7.28 19.20 3.43
CA ILE D 91 -6.27 20.25 3.40
C ILE D 91 -6.24 20.90 4.77
N ILE D 92 -5.08 20.85 5.42
CA ILE D 92 -4.97 21.33 6.79
C ILE D 92 -4.03 22.53 6.89
N ALA D 93 -4.56 23.64 7.38
CA ALA D 93 -3.74 24.81 7.69
C ALA D 93 -2.95 24.61 8.99
N SER D 94 -1.64 24.80 8.90
CA SER D 94 -0.78 24.88 10.06
C SER D 94 0.01 26.18 9.94
N ASP D 95 1.05 26.29 10.75
CA ASP D 95 1.86 27.50 10.83
C ASP D 95 2.85 27.67 9.71
N ASP D 96 3.43 26.56 9.27
CA ASP D 96 4.49 26.63 8.27
C ASP D 96 4.03 26.23 6.87
N GLY D 97 2.86 25.63 6.75
CA GLY D 97 2.37 25.21 5.47
C GLY D 97 1.00 24.56 5.43
N PHE D 98 0.70 23.96 4.29
CA PHE D 98 -0.51 23.14 4.14
C PHE D 98 -0.14 21.67 4.06
N LYS D 99 -0.87 20.86 4.82
CA LYS D 99 -0.72 19.43 4.81
C LYS D 99 -1.84 18.86 4.00
N ALA D 100 -1.50 18.07 3.00
CA ALA D 100 -2.53 17.50 2.14
C ALA D 100 -2.61 16.05 2.43
N VAL D 101 -3.82 15.56 2.67
CA VAL D 101 -4.05 14.17 3.05
C VAL D 101 -5.02 13.52 2.08
N VAL D 102 -4.59 12.44 1.44
CA VAL D 102 -5.49 11.69 0.57
C VAL D 102 -5.70 10.29 1.13
N GLY D 103 -6.96 9.88 1.26
CA GLY D 103 -7.25 8.57 1.78
C GLY D 103 -6.65 8.44 3.16
N ASP D 104 -5.75 7.48 3.31
CA ASP D 104 -5.12 7.24 4.62
C ASP D 104 -3.67 7.72 4.64
N ALA D 105 -3.30 8.59 3.70
CA ALA D 105 -1.90 8.92 3.52
C ALA D 105 -1.58 10.41 3.61
N GLN D 106 -0.57 10.76 4.41
CA GLN D 106 -0.09 12.13 4.49
C GLN D 106 0.69 12.49 3.24
N TYR D 107 -0.03 13.03 2.26
CA TYR D 107 0.48 13.13 0.90
C TYR D 107 1.64 14.10 0.74
N HIS D 108 1.48 15.32 1.22
CA HIS D 108 2.47 16.37 0.95
C HIS D 108 2.37 17.50 1.95
N HIS D 109 3.52 18.05 2.32
CA HIS D 109 3.54 19.28 3.09
C HIS D 109 4.00 20.46 2.22
N PHE D 110 3.18 21.49 2.12
CA PHE D 110 3.45 22.59 1.21
C PHE D 110 3.65 23.88 2.00
N ARG D 111 4.89 24.30 2.17
CA ARG D 111 5.18 25.50 2.96
C ARG D 111 4.51 26.75 2.42
N HIS D 112 4.15 27.65 3.33
CA HIS D 112 3.53 28.89 2.92
C HIS D 112 4.50 29.69 2.03
N ARG D 113 3.96 30.30 0.98
CA ARG D 113 4.71 31.21 0.15
C ARG D 113 4.07 32.59 0.28
N LEU D 114 2.75 32.58 0.44
CA LEU D 114 1.96 33.77 0.77
C LEU D 114 1.42 33.59 2.20
N PRO D 115 1.27 34.70 2.95
CA PRO D 115 0.76 34.61 4.32
C PRO D 115 -0.61 33.94 4.38
N LEU D 116 -0.76 32.98 5.30
CA LEU D 116 -2.00 32.25 5.49
C LEU D 116 -3.18 33.21 5.66
N ALA D 117 -2.91 34.36 6.29
CA ALA D 117 -3.93 35.34 6.60
C ALA D 117 -4.62 35.94 5.38
N ARG D 118 -4.07 35.72 4.18
CA ARG D 118 -4.67 36.34 2.99
C ARG D 118 -5.74 35.47 2.35
N VAL D 119 -5.71 34.17 2.63
CA VAL D 119 -6.67 33.25 2.03
C VAL D 119 -8.08 33.74 2.38
N ARG D 120 -8.94 33.89 1.36
CA ARG D 120 -10.30 34.38 1.59
C ARG D 120 -11.35 33.55 0.84
N LEU D 121 -10.90 32.50 0.16
CA LEU D 121 -11.77 31.75 -0.75
C LEU D 121 -11.24 30.39 -1.07
N VAL D 122 -12.13 29.43 -1.25
CA VAL D 122 -11.75 28.10 -1.67
C VAL D 122 -12.46 27.76 -2.95
N GLU D 123 -11.71 27.34 -3.97
CA GLU D 123 -12.36 27.03 -5.22
C GLU D 123 -11.95 25.65 -5.71
N VAL D 124 -12.95 24.85 -6.03
CA VAL D 124 -12.75 23.52 -6.59
C VAL D 124 -13.34 23.45 -8.01
N GLY D 125 -12.52 23.05 -8.98
CA GLY D 125 -13.06 22.88 -10.31
C GLY D 125 -12.38 21.81 -11.12
N GLY D 126 -12.68 21.79 -12.41
CA GLY D 126 -12.08 20.84 -13.33
C GLY D 126 -12.94 19.60 -13.43
N ASP D 127 -12.34 18.50 -13.87
CA ASP D 127 -13.11 17.28 -14.05
C ASP D 127 -13.25 16.53 -12.72
N VAL D 128 -14.20 16.98 -11.89
CA VAL D 128 -14.49 16.33 -10.63
C VAL D 128 -15.98 16.41 -10.30
N GLN D 129 -16.58 15.27 -9.94
CA GLN D 129 -17.90 15.27 -9.34
C GLN D 129 -17.74 15.53 -7.85
N LEU D 130 -18.40 16.57 -7.35
CA LEU D 130 -18.18 17.00 -5.99
C LEU D 130 -19.34 16.57 -5.12
N ASP D 131 -19.04 15.82 -4.06
CA ASP D 131 -20.05 15.44 -3.09
C ASP D 131 -20.18 16.50 -2.00
N SER D 132 -19.05 16.88 -1.40
CA SER D 132 -19.09 17.95 -0.42
C SER D 132 -17.76 18.64 -0.19
N VAL D 133 -17.86 19.91 0.15
CA VAL D 133 -16.75 20.71 0.64
C VAL D 133 -17.10 21.21 2.03
N ARG D 134 -16.25 20.93 3.02
CA ARG D 134 -16.52 21.38 4.38
C ARG D 134 -15.33 22.08 5.01
N ILE D 135 -15.58 23.04 5.87
CA ILE D 135 -14.49 23.68 6.59
C ILE D 135 -14.72 23.45 8.08
N PHE D 136 -13.67 22.99 8.77
CA PHE D 136 -13.75 22.69 10.20
C PHE D 136 -12.70 23.47 10.97
N VAL E 4 16.32 4.61 27.22
CA VAL E 4 15.04 4.97 26.60
C VAL E 4 15.01 4.50 25.15
N PRO E 5 14.01 3.67 24.81
CA PRO E 5 13.88 3.13 23.45
C PRO E 5 13.52 4.20 22.43
N HIS E 6 14.33 4.31 21.37
CA HIS E 6 14.00 5.19 20.25
C HIS E 6 12.93 4.53 19.40
N LYS E 7 11.94 5.32 19.01
CA LYS E 7 10.82 4.80 18.24
C LYS E 7 10.62 5.60 16.98
N SER E 8 10.37 4.90 15.89
CA SER E 8 10.02 5.54 14.64
C SER E 8 8.70 4.98 14.18
N SER E 9 7.68 5.83 14.16
CA SER E 9 6.36 5.42 13.76
C SER E 9 6.29 5.37 12.25
N LEU E 10 5.77 4.26 11.74
CA LEU E 10 5.61 4.11 10.31
C LEU E 10 4.16 3.73 9.97
N PRO E 11 3.25 4.71 10.09
CA PRO E 11 1.80 4.53 9.93
C PRO E 11 1.40 3.88 8.60
N GLU E 12 2.06 4.28 7.51
CA GLU E 12 1.69 3.79 6.18
C GLU E 12 2.61 2.69 5.68
N GLY E 13 3.44 2.18 6.57
CA GLY E 13 4.14 0.95 6.30
C GLY E 13 5.44 1.10 5.55
N ILE E 14 5.95 -0.05 5.12
CA ILE E 14 7.27 -0.13 4.54
C ILE E 14 7.19 -0.84 3.19
N ARG E 15 7.43 -0.10 2.11
CA ARG E 15 7.38 -0.71 0.80
C ARG E 15 8.80 -1.13 0.42
N PRO E 16 8.95 -2.05 -0.55
CA PRO E 16 10.29 -2.55 -0.90
C PRO E 16 11.20 -1.42 -1.39
N GLY E 17 12.51 -1.62 -1.29
CA GLY E 17 13.44 -0.53 -1.44
C GLY E 17 13.26 0.50 -0.33
N THR E 18 13.14 0.03 0.91
CA THR E 18 13.18 0.93 2.04
C THR E 18 14.42 0.63 2.82
N VAL E 19 15.19 1.67 3.11
CA VAL E 19 16.40 1.49 3.86
C VAL E 19 16.22 2.05 5.25
N LEU E 20 16.49 1.19 6.23
CA LEU E 20 16.60 1.59 7.61
C LEU E 20 18.09 1.72 7.91
N ARG E 21 18.52 2.89 8.39
CA ARG E 21 19.94 3.10 8.68
C ARG E 21 20.13 3.46 10.13
N ILE E 22 20.89 2.67 10.87
CA ILE E 22 21.14 2.94 12.29
C ILE E 22 22.62 3.25 12.58
N ARG E 23 22.88 4.42 13.12
CA ARG E 23 24.25 4.83 13.48
C ARG E 23 24.38 5.17 14.99
N GLY E 24 25.36 4.55 15.63
CA GLY E 24 25.59 4.78 17.04
C GLY E 24 26.81 4.05 17.60
N LEU E 25 26.74 3.74 18.89
CA LEU E 25 27.88 3.19 19.61
C LEU E 25 27.45 2.14 20.66
N VAL E 26 28.20 1.04 20.73
CA VAL E 26 27.94 0.02 21.75
C VAL E 26 28.61 0.46 23.05
N PRO E 27 27.84 0.54 24.15
CA PRO E 27 28.39 0.85 25.47
C PRO E 27 29.44 -0.17 25.91
N PRO E 28 30.50 0.30 26.60
CA PRO E 28 31.58 -0.63 26.97
C PRO E 28 31.10 -1.73 27.90
N ASN E 29 29.97 -1.50 28.57
CA ASN E 29 29.39 -2.45 29.53
C ASN E 29 28.21 -3.20 28.94
N ALA E 30 27.82 -2.81 27.72
CA ALA E 30 26.61 -3.33 27.07
C ALA E 30 26.55 -4.84 27.02
N SER E 31 25.35 -5.37 27.24
CA SER E 31 25.09 -6.80 27.17
C SER E 31 24.35 -7.14 25.88
N ARG E 32 23.28 -6.40 25.60
CA ARG E 32 22.47 -6.60 24.39
C ARG E 32 21.79 -5.32 23.92
N PHE E 33 21.48 -5.24 22.64
CA PHE E 33 20.53 -4.23 22.16
C PHE E 33 19.76 -4.80 20.97
N HIS E 34 18.59 -4.24 20.69
CA HIS E 34 17.73 -4.83 19.66
C HIS E 34 17.17 -3.81 18.64
N VAL E 35 16.92 -4.31 17.43
CA VAL E 35 16.21 -3.58 16.37
C VAL E 35 14.99 -4.38 15.89
N ASN E 36 13.79 -3.91 16.22
CA ASN E 36 12.54 -4.62 15.93
C ASN E 36 11.68 -3.95 14.88
N LEU E 37 11.24 -4.67 13.84
CA LEU E 37 10.11 -4.25 13.01
C LEU E 37 8.76 -4.75 13.53
N LEU E 38 7.99 -3.84 14.11
CA LEU E 38 6.77 -4.18 14.83
C LEU E 38 5.49 -3.75 14.13
N CYS E 39 4.39 -4.40 14.47
CA CYS E 39 3.09 -4.04 13.89
C CYS E 39 2.26 -3.09 14.76
N GLY E 40 2.86 -2.49 15.78
CA GLY E 40 2.12 -1.58 16.64
C GLY E 40 2.94 -1.23 17.86
N GLU E 41 2.42 -0.34 18.70
CA GLU E 41 3.19 0.09 19.87
C GLU E 41 2.73 -0.61 21.16
N GLU E 42 1.73 -1.48 21.05
CA GLU E 42 1.24 -2.22 22.23
C GLU E 42 2.21 -3.33 22.62
N GLN E 43 2.09 -3.80 23.86
CA GLN E 43 2.93 -4.90 24.35
C GLN E 43 2.63 -6.17 23.57
N GLY E 44 3.67 -6.86 23.11
CA GLY E 44 3.49 -8.13 22.46
C GLY E 44 2.86 -8.05 21.08
N SER E 45 2.85 -6.86 20.50
CA SER E 45 2.46 -6.70 19.12
C SER E 45 3.36 -7.58 18.27
N ASP E 46 2.81 -8.14 17.19
CA ASP E 46 3.57 -8.99 16.28
C ASP E 46 4.83 -8.31 15.76
N ALA E 47 5.79 -9.13 15.31
CA ALA E 47 7.10 -8.66 14.82
C ALA E 47 7.51 -9.30 13.49
N ALA E 48 7.91 -8.49 12.51
CA ALA E 48 8.43 -9.00 11.23
C ALA E 48 9.90 -9.36 11.33
N LEU E 49 10.61 -8.63 12.15
CA LEU E 49 12.02 -8.88 12.31
C LEU E 49 12.46 -8.42 13.68
N HIS E 50 13.34 -9.23 14.27
CA HIS E 50 13.98 -8.99 15.55
C HIS E 50 15.49 -9.16 15.28
N PHE E 51 16.25 -8.08 15.38
CA PHE E 51 17.68 -8.11 15.11
C PHE E 51 18.42 -7.81 16.42
N ASN E 52 19.11 -8.81 16.98
CA ASN E 52 19.53 -8.75 18.39
C ASN E 52 21.02 -9.02 18.56
N PRO E 53 21.85 -7.96 18.47
CA PRO E 53 23.23 -8.19 18.92
C PRO E 53 23.28 -8.55 20.42
N ARG E 54 24.07 -9.57 20.74
CA ARG E 54 24.25 -10.02 22.12
C ARG E 54 25.75 -10.08 22.36
N LEU E 55 26.29 -9.10 23.08
CA LEU E 55 27.74 -9.07 23.31
C LEU E 55 28.09 -9.94 24.49
N ASP E 56 27.07 -10.55 25.09
CA ASP E 56 27.30 -11.42 26.23
C ASP E 56 27.49 -12.87 25.77
N THR E 57 26.60 -13.36 24.91
CA THR E 57 26.75 -14.69 24.34
C THR E 57 27.41 -14.63 22.99
N SER E 58 27.86 -13.43 22.62
CA SER E 58 28.66 -13.20 21.42
C SER E 58 28.00 -13.78 20.18
N GLU E 59 26.97 -13.09 19.69
CA GLU E 59 26.10 -13.59 18.64
C GLU E 59 25.06 -12.55 18.34
N VAL E 60 24.61 -12.53 17.09
CA VAL E 60 23.48 -11.71 16.69
C VAL E 60 22.43 -12.70 16.34
N VAL E 61 21.23 -12.54 16.88
CA VAL E 61 20.19 -13.47 16.53
C VAL E 61 19.14 -12.73 15.72
N PHE E 62 18.52 -13.49 14.82
CA PHE E 62 17.44 -13.00 14.02
C PHE E 62 16.19 -13.81 14.34
N ASN E 63 15.04 -13.14 14.42
CA ASN E 63 13.78 -13.84 14.72
C ASN E 63 12.51 -13.03 14.45
N SER E 64 11.37 -13.72 14.50
CA SER E 64 10.04 -13.15 14.28
C SER E 64 9.09 -13.50 15.44
N LYS E 65 7.94 -12.83 15.55
CA LYS E 65 6.98 -13.12 16.63
C LYS E 65 5.53 -12.89 16.26
N GLU E 66 4.66 -13.86 16.55
CA GLU E 66 3.24 -13.76 16.26
C GLU E 66 2.35 -14.23 17.42
N GLN E 67 1.42 -13.36 17.83
CA GLN E 67 0.52 -13.65 18.93
C GLN E 67 1.27 -14.03 20.22
N GLY E 68 2.40 -13.37 20.43
CA GLY E 68 3.17 -13.54 21.64
C GLY E 68 4.24 -14.59 21.58
N SER E 69 4.13 -15.51 20.63
CA SER E 69 5.12 -16.59 20.53
C SER E 69 6.21 -16.33 19.47
N TRP E 70 7.47 -16.51 19.84
CA TRP E 70 8.56 -16.46 18.87
C TRP E 70 8.49 -17.63 17.87
N GLY E 71 9.18 -17.50 16.74
CA GLY E 71 9.29 -18.63 15.81
C GLY E 71 10.73 -19.01 15.54
N ARG E 72 10.96 -19.72 14.42
CA ARG E 72 12.28 -20.18 13.95
C ARG E 72 13.41 -19.16 14.15
N GLU E 73 14.43 -19.54 14.91
CA GLU E 73 15.47 -18.60 15.31
C GLU E 73 16.71 -18.68 14.40
N GLU E 74 17.22 -17.54 13.95
CA GLU E 74 18.39 -17.53 13.05
C GLU E 74 19.55 -16.68 13.57
N ARG E 75 20.77 -17.15 13.33
CA ARG E 75 21.98 -16.48 13.81
C ARG E 75 22.89 -16.10 12.65
N GLY E 76 23.55 -14.96 12.80
CA GLY E 76 24.42 -14.43 11.77
C GLY E 76 25.83 -14.99 11.88
N PRO E 77 26.61 -14.90 10.79
CA PRO E 77 28.02 -15.29 10.79
C PRO E 77 28.85 -14.41 11.73
N GLY E 78 28.86 -14.77 13.01
CA GLY E 78 29.69 -14.08 13.96
C GLY E 78 28.98 -12.93 14.62
N VAL E 79 29.76 -11.98 15.14
CA VAL E 79 29.20 -10.78 15.77
C VAL E 79 30.12 -9.58 15.47
N PRO E 80 29.75 -8.79 14.45
CA PRO E 80 30.44 -7.58 14.02
C PRO E 80 30.17 -6.39 14.94
N PHE E 81 30.34 -6.59 16.24
CA PHE E 81 30.17 -5.52 17.21
C PHE E 81 31.19 -5.71 18.33
N GLN E 82 31.61 -4.60 18.93
CA GLN E 82 32.45 -4.65 20.11
C GLN E 82 32.03 -3.59 21.10
N ARG E 83 32.20 -3.91 22.37
CA ARG E 83 31.94 -3.00 23.49
C ARG E 83 32.78 -1.74 23.37
N GLY E 84 32.13 -0.58 23.47
CA GLY E 84 32.83 0.70 23.36
C GLY E 84 33.03 1.23 21.95
N GLN E 85 32.64 0.43 20.95
CA GLN E 85 32.94 0.73 19.55
C GLN E 85 31.72 1.13 18.73
N PRO E 86 31.90 2.15 17.84
CA PRO E 86 30.90 2.67 16.89
C PRO E 86 30.49 1.64 15.85
N PHE E 87 29.23 1.71 15.43
CA PHE E 87 28.70 0.81 14.42
C PHE E 87 27.81 1.53 13.42
N GLU E 88 27.79 1.06 12.19
CA GLU E 88 26.79 1.52 11.26
C GLU E 88 26.14 0.27 10.71
N VAL E 89 24.81 0.28 10.76
CA VAL E 89 24.04 -0.86 10.33
C VAL E 89 22.99 -0.39 9.39
N LEU E 90 22.83 -1.13 8.28
CA LEU E 90 21.80 -0.86 7.30
C LEU E 90 20.88 -2.04 7.18
N ILE E 91 19.62 -1.89 7.54
CA ILE E 91 18.66 -2.97 7.33
C ILE E 91 17.87 -2.66 6.07
N ILE E 92 18.00 -3.50 5.05
CA ILE E 92 17.38 -3.17 3.75
C ILE E 92 16.18 -4.05 3.43
N ALA E 93 15.05 -3.43 3.12
CA ALA E 93 13.86 -4.16 2.66
C ALA E 93 13.92 -4.48 1.16
N SER E 94 13.79 -5.77 0.82
CA SER E 94 13.64 -6.18 -0.57
C SER E 94 12.32 -6.90 -0.73
N ASP E 95 12.09 -7.43 -1.93
CA ASP E 95 10.99 -8.35 -2.18
C ASP E 95 11.19 -9.64 -1.36
N ASP E 96 12.45 -10.03 -1.17
CA ASP E 96 12.79 -11.37 -0.68
C ASP E 96 13.09 -11.44 0.80
N GLY E 97 13.53 -10.33 1.39
CA GLY E 97 13.74 -10.26 2.82
C GLY E 97 14.40 -8.98 3.27
N PHE E 98 14.98 -9.03 4.46
CA PHE E 98 15.75 -7.91 4.95
C PHE E 98 17.22 -8.32 4.92
N LYS E 99 18.09 -7.42 4.45
CA LYS E 99 19.50 -7.74 4.49
C LYS E 99 20.25 -6.77 5.38
N ALA E 100 21.05 -7.34 6.28
CA ALA E 100 21.76 -6.55 7.27
C ALA E 100 23.16 -6.22 6.77
N VAL E 101 23.37 -4.96 6.41
CA VAL E 101 24.70 -4.48 6.11
C VAL E 101 25.31 -3.85 7.37
N VAL E 102 26.39 -4.45 7.86
CA VAL E 102 27.13 -3.85 8.97
C VAL E 102 28.51 -3.45 8.46
N GLY E 103 28.98 -2.29 8.89
CA GLY E 103 30.30 -1.83 8.48
C GLY E 103 30.32 -1.56 6.99
N ASP E 104 31.02 -2.42 6.26
CA ASP E 104 31.08 -2.32 4.80
C ASP E 104 30.82 -3.68 4.15
N ALA E 105 29.99 -4.48 4.80
CA ALA E 105 29.78 -5.86 4.38
C ALA E 105 28.33 -6.32 4.55
N GLN E 106 27.85 -7.08 3.57
CA GLN E 106 26.57 -7.77 3.67
C GLN E 106 26.70 -8.89 4.72
N TYR E 107 25.99 -8.74 5.83
CA TYR E 107 26.16 -9.64 6.97
C TYR E 107 25.19 -10.84 6.97
N HIS E 108 23.90 -10.57 6.93
CA HIS E 108 22.93 -11.66 6.93
C HIS E 108 21.75 -11.31 6.04
N HIS E 109 21.28 -12.30 5.27
CA HIS E 109 19.99 -12.15 4.63
C HIS E 109 18.93 -12.90 5.44
N PHE E 110 17.95 -12.14 5.92
CA PHE E 110 16.83 -12.71 6.64
C PHE E 110 15.60 -12.54 5.78
N ARG E 111 15.09 -13.65 5.27
CA ARG E 111 14.02 -13.58 4.29
C ARG E 111 12.70 -13.34 5.01
N HIS E 112 11.66 -13.01 4.24
CA HIS E 112 10.36 -12.73 4.83
C HIS E 112 9.66 -14.00 5.31
N ARG E 113 9.06 -13.95 6.50
CA ARG E 113 8.19 -15.04 6.95
C ARG E 113 6.85 -14.46 7.38
N LEU E 114 6.83 -13.14 7.55
CA LEU E 114 5.59 -12.39 7.75
C LEU E 114 5.53 -11.33 6.67
N PRO E 115 4.33 -11.05 6.14
CA PRO E 115 4.19 -10.04 5.09
C PRO E 115 4.81 -8.69 5.47
N LEU E 116 5.70 -8.18 4.60
CA LEU E 116 6.42 -6.91 4.80
C LEU E 116 5.48 -5.70 4.89
N ALA E 117 4.25 -5.88 4.43
CA ALA E 117 3.28 -4.79 4.39
C ALA E 117 2.63 -4.51 5.74
N ARG E 118 2.96 -5.32 6.76
CA ARG E 118 2.35 -5.13 8.08
C ARG E 118 3.14 -4.19 9.02
N VAL E 119 4.41 -3.96 8.72
CA VAL E 119 5.31 -3.21 9.62
C VAL E 119 4.88 -1.75 9.84
N ARG E 120 4.54 -1.39 11.07
CA ARG E 120 4.13 -0.02 11.39
C ARG E 120 5.04 0.70 12.42
N LEU E 121 6.10 0.04 12.86
CA LEU E 121 6.97 0.64 13.87
C LEU E 121 8.39 0.06 13.78
N VAL E 122 9.39 0.91 13.99
CA VAL E 122 10.76 0.46 14.23
C VAL E 122 11.13 0.82 15.66
N GLU E 123 11.61 -0.16 16.41
CA GLU E 123 12.02 0.13 17.78
C GLU E 123 13.48 -0.24 17.97
N VAL E 124 14.27 0.74 18.42
CA VAL E 124 15.66 0.49 18.80
C VAL E 124 15.81 0.71 20.29
N GLY E 125 16.24 -0.33 20.99
CA GLY E 125 16.40 -0.26 22.43
C GLY E 125 17.52 -1.12 22.96
N GLY E 126 17.53 -1.28 24.28
CA GLY E 126 18.55 -2.07 24.93
C GLY E 126 19.77 -1.25 25.29
N ASP E 127 20.92 -1.91 25.27
CA ASP E 127 22.17 -1.26 25.64
C ASP E 127 22.85 -0.73 24.39
N VAL E 128 22.52 0.51 24.04
CA VAL E 128 23.05 1.10 22.83
C VAL E 128 22.96 2.62 22.92
N GLN E 129 23.90 3.31 22.29
CA GLN E 129 23.91 4.76 22.27
C GLN E 129 23.67 5.21 20.83
N LEU E 130 22.51 5.79 20.58
CA LEU E 130 22.11 6.10 19.21
C LEU E 130 22.59 7.47 18.79
N ASP E 131 23.33 7.52 17.68
CA ASP E 131 23.71 8.79 17.08
C ASP E 131 22.67 9.19 16.02
N SER E 132 22.19 8.21 15.25
CA SER E 132 21.14 8.46 14.27
C SER E 132 20.42 7.19 13.84
N VAL E 133 19.09 7.28 13.84
CA VAL E 133 18.22 6.24 13.28
C VAL E 133 17.48 6.88 12.13
N ARG E 134 17.50 6.25 10.95
CA ARG E 134 16.86 6.85 9.78
C ARG E 134 16.15 5.82 8.93
N ILE E 135 14.95 6.17 8.50
CA ILE E 135 14.20 5.38 7.53
C ILE E 135 14.01 6.17 6.22
N PHE E 136 14.56 5.64 5.13
CA PHE E 136 14.46 6.28 3.83
C PHE E 136 13.43 5.55 2.97
N PRO F 5 36.25 8.58 -14.53
CA PRO F 5 35.16 8.09 -15.38
C PRO F 5 34.54 6.80 -14.86
N HIS F 6 34.94 6.41 -13.64
CA HIS F 6 34.59 5.15 -12.98
C HIS F 6 33.23 4.55 -13.35
N LYS F 7 33.26 3.39 -14.01
CA LYS F 7 32.03 2.65 -14.26
C LYS F 7 31.90 1.53 -13.21
N SER F 8 30.67 1.11 -12.96
CA SER F 8 30.41 -0.06 -12.14
C SER F 8 29.33 -0.92 -12.80
N SER F 9 29.77 -1.88 -13.61
CA SER F 9 28.88 -2.73 -14.39
C SER F 9 27.88 -3.42 -13.48
N LEU F 10 26.59 -3.32 -13.83
CA LEU F 10 25.56 -3.80 -12.94
C LEU F 10 24.42 -4.62 -13.55
N PRO F 11 24.75 -5.73 -14.22
CA PRO F 11 23.68 -6.72 -14.32
C PRO F 11 23.84 -7.75 -13.20
N GLU F 12 22.77 -8.13 -12.51
CA GLU F 12 21.42 -7.66 -12.76
C GLU F 12 21.09 -6.39 -11.99
N GLY F 13 20.34 -5.49 -12.62
CA GLY F 13 19.81 -4.32 -11.94
C GLY F 13 18.35 -4.41 -11.52
N ILE F 14 17.55 -5.23 -12.20
CA ILE F 14 16.13 -5.40 -11.86
C ILE F 14 15.85 -5.87 -10.41
N ARG F 15 15.87 -4.91 -9.48
CA ARG F 15 15.31 -5.18 -8.16
C ARG F 15 15.00 -3.90 -7.38
N PRO F 16 13.70 -3.63 -7.18
CA PRO F 16 13.21 -2.53 -6.34
C PRO F 16 13.64 -2.60 -4.88
N GLY F 17 14.92 -2.86 -4.63
CA GLY F 17 15.48 -2.96 -3.31
C GLY F 17 17.00 -2.93 -3.38
N THR F 18 17.51 -2.66 -4.58
CA THR F 18 18.96 -2.52 -4.78
C THR F 18 19.43 -1.19 -4.18
N VAL F 19 20.62 -1.19 -3.58
CA VAL F 19 21.16 0.01 -2.96
C VAL F 19 22.58 0.31 -3.43
N LEU F 20 22.71 1.44 -4.12
CA LEU F 20 24.01 1.91 -4.53
C LEU F 20 24.54 2.94 -3.53
N ARG F 21 25.84 2.95 -3.32
CA ARG F 21 26.41 3.77 -2.25
C ARG F 21 27.81 4.31 -2.58
N ILE F 22 27.87 5.59 -3.00
CA ILE F 22 29.12 6.28 -3.25
C ILE F 22 29.59 7.07 -2.03
N ARG F 23 30.88 6.96 -1.71
CA ARG F 23 31.47 7.67 -0.56
C ARG F 23 32.67 8.51 -0.92
N GLY F 24 32.52 9.45 -1.85
CA GLY F 24 33.67 10.21 -2.30
C GLY F 24 33.87 11.57 -1.66
N LEU F 25 34.75 12.35 -2.28
CA LEU F 25 34.99 13.73 -1.91
C LEU F 25 34.71 14.64 -3.12
N VAL F 26 34.28 15.87 -2.85
CA VAL F 26 34.16 16.86 -3.92
C VAL F 26 35.43 17.71 -3.92
N PRO F 27 36.24 17.58 -5.00
CA PRO F 27 37.45 18.37 -5.23
C PRO F 27 37.25 19.86 -4.91
N PRO F 28 38.28 20.52 -4.37
CA PRO F 28 38.21 21.93 -3.96
C PRO F 28 37.77 22.88 -5.06
N ASN F 29 37.81 22.49 -6.33
CA ASN F 29 37.36 23.39 -7.41
C ASN F 29 36.39 22.73 -8.39
N ALA F 30 35.63 21.75 -7.92
CA ALA F 30 34.68 21.06 -8.77
C ALA F 30 33.60 22.00 -9.28
N SER F 31 33.05 21.67 -10.45
CA SER F 31 31.92 22.41 -10.99
C SER F 31 30.67 21.55 -11.01
N ARG F 32 30.75 20.37 -11.62
CA ARG F 32 29.60 19.46 -11.77
C ARG F 32 30.05 18.00 -11.72
N PHE F 33 29.22 17.12 -11.18
CA PHE F 33 29.47 15.71 -11.42
C PHE F 33 28.17 14.98 -11.63
N HIS F 34 28.28 13.71 -11.96
CA HIS F 34 27.09 12.91 -12.10
C HIS F 34 27.30 11.45 -11.70
N VAL F 35 26.17 10.81 -11.43
CA VAL F 35 26.10 9.37 -11.35
C VAL F 35 24.98 9.03 -12.31
N ASN F 36 25.21 8.10 -13.23
CA ASN F 36 24.14 7.72 -14.15
C ASN F 36 23.82 6.25 -14.04
N LEU F 37 22.54 5.94 -14.13
CA LEU F 37 22.08 4.58 -14.29
C LEU F 37 21.79 4.31 -15.75
N LEU F 38 22.79 3.79 -16.46
CA LEU F 38 22.69 3.52 -17.89
C LEU F 38 21.96 2.21 -18.21
N CYS F 39 21.40 2.15 -19.42
CA CYS F 39 20.78 0.92 -19.93
C CYS F 39 21.68 0.21 -20.93
N GLY F 40 22.94 0.00 -20.55
CA GLY F 40 23.88 -0.71 -21.40
C GLY F 40 25.19 0.03 -21.51
N GLU F 41 26.15 -0.53 -22.24
CA GLU F 41 27.45 0.11 -22.36
C GLU F 41 27.69 0.65 -23.78
N GLU F 42 26.73 1.40 -24.30
CA GLU F 42 26.86 2.00 -25.62
C GLU F 42 27.61 3.32 -25.50
N GLN F 43 27.79 4.00 -26.63
CA GLN F 43 28.38 5.34 -26.62
C GLN F 43 27.23 6.32 -26.42
N GLY F 44 26.01 5.82 -26.55
CA GLY F 44 24.81 6.61 -26.37
C GLY F 44 23.69 5.82 -25.72
N SER F 45 24.07 4.83 -24.91
CA SER F 45 23.11 4.02 -24.15
C SER F 45 22.20 4.93 -23.34
N ASP F 46 20.92 4.54 -23.24
CA ASP F 46 19.97 5.33 -22.46
C ASP F 46 20.34 5.39 -20.98
N ALA F 47 19.93 6.47 -20.33
CA ALA F 47 20.13 6.64 -18.91
C ALA F 47 18.75 6.74 -18.27
N ALA F 48 18.50 5.88 -17.28
CA ALA F 48 17.22 5.90 -16.58
C ALA F 48 17.26 6.98 -15.50
N LEU F 49 18.46 7.25 -15.03
CA LEU F 49 18.65 8.23 -13.97
C LEU F 49 19.87 9.05 -14.22
N HIS F 50 19.64 10.34 -14.47
CA HIS F 50 20.70 11.31 -14.54
C HIS F 50 20.66 12.08 -13.22
N PHE F 51 21.72 11.95 -12.45
CA PHE F 51 21.77 12.59 -11.14
C PHE F 51 22.95 13.53 -11.13
N ASN F 52 22.65 14.82 -11.08
CA ASN F 52 23.63 15.80 -11.52
C ASN F 52 23.78 16.99 -10.58
N PRO F 53 24.58 16.82 -9.51
CA PRO F 53 24.95 17.93 -8.63
C PRO F 53 25.80 18.97 -9.36
N ARG F 54 25.36 20.22 -9.28
CA ARG F 54 26.06 21.30 -9.96
C ARG F 54 26.56 22.31 -8.94
N LEU F 55 27.83 22.19 -8.58
CA LEU F 55 28.41 23.15 -7.66
C LEU F 55 28.55 24.52 -8.35
N ASP F 56 28.82 24.51 -9.66
CA ASP F 56 28.96 25.78 -10.41
C ASP F 56 27.66 26.60 -10.39
N THR F 57 26.51 25.94 -10.48
CA THR F 57 25.22 26.65 -10.41
C THR F 57 24.41 26.41 -9.11
N SER F 58 25.03 25.77 -8.13
CA SER F 58 24.38 25.55 -6.83
C SER F 58 23.01 24.90 -6.99
N GLU F 59 22.95 23.79 -7.71
CA GLU F 59 21.69 23.09 -7.86
C GLU F 59 21.93 21.60 -8.03
N VAL F 60 20.88 20.81 -7.94
CA VAL F 60 20.95 19.40 -8.31
C VAL F 60 19.80 19.12 -9.27
N VAL F 61 20.13 18.61 -10.46
CA VAL F 61 19.14 18.38 -11.49
C VAL F 61 18.90 16.90 -11.71
N PHE F 62 17.62 16.54 -11.79
CA PHE F 62 17.19 15.18 -12.02
C PHE F 62 16.57 15.07 -13.41
N ASN F 63 16.91 14.02 -14.14
CA ASN F 63 16.30 13.80 -15.44
C ASN F 63 16.55 12.40 -15.97
N SER F 64 15.86 12.07 -17.06
N SER F 64 15.83 12.05 -17.03
CA SER F 64 16.05 10.81 -17.76
CA SER F 64 16.14 10.81 -17.74
C SER F 64 16.48 11.06 -19.21
C SER F 64 16.62 11.16 -19.13
N LYS F 65 17.43 10.27 -19.69
CA LYS F 65 17.96 10.43 -21.05
C LYS F 65 17.58 9.25 -21.94
N GLU F 66 16.63 9.48 -22.83
CA GLU F 66 16.18 8.45 -23.75
C GLU F 66 16.36 8.85 -25.22
N GLN F 67 16.67 7.87 -26.07
CA GLN F 67 16.86 8.08 -27.51
C GLN F 67 17.61 9.37 -27.89
N GLY F 68 18.51 9.80 -27.01
CA GLY F 68 19.24 11.05 -27.21
C GLY F 68 18.57 12.32 -26.68
N SER F 69 17.26 12.29 -26.49
CA SER F 69 16.51 13.43 -25.94
C SER F 69 16.53 13.49 -24.38
N TRP F 70 16.26 14.67 -23.82
CA TRP F 70 16.11 14.84 -22.37
C TRP F 70 14.66 15.04 -21.94
N GLY F 71 14.30 14.49 -20.77
CA GLY F 71 12.94 14.62 -20.27
C GLY F 71 12.74 15.93 -19.51
N ARG F 72 11.66 16.00 -18.73
CA ARG F 72 11.38 17.17 -17.89
C ARG F 72 12.35 17.23 -16.72
N GLU F 73 12.91 18.41 -16.46
CA GLU F 73 13.91 18.55 -15.42
C GLU F 73 13.28 18.60 -14.03
N GLU F 74 13.93 17.95 -13.07
CA GLU F 74 13.50 18.08 -11.68
C GLU F 74 14.67 18.58 -10.88
N ARG F 75 14.43 19.51 -9.96
CA ARG F 75 15.48 19.95 -9.06
C ARG F 75 15.11 19.63 -7.62
N GLY F 76 16.12 19.35 -6.81
CA GLY F 76 15.91 19.27 -5.37
C GLY F 76 16.24 20.62 -4.80
N PRO F 77 16.12 20.78 -3.47
CA PRO F 77 16.40 22.06 -2.80
C PRO F 77 17.88 22.29 -2.55
N GLY F 78 18.42 23.39 -3.08
CA GLY F 78 19.82 23.72 -2.88
C GLY F 78 20.79 22.69 -3.40
N VAL F 79 22.01 22.73 -2.88
CA VAL F 79 23.02 21.76 -3.22
C VAL F 79 23.66 21.19 -1.94
N PRO F 80 23.42 19.90 -1.65
CA PRO F 80 23.91 19.26 -0.42
C PRO F 80 25.28 18.61 -0.64
N PHE F 81 26.19 19.38 -1.21
CA PHE F 81 27.54 18.96 -1.52
C PHE F 81 28.42 20.19 -1.34
N GLN F 82 29.66 19.98 -0.92
CA GLN F 82 30.60 21.09 -0.73
C GLN F 82 31.99 20.78 -1.26
N ARG F 83 32.61 21.79 -1.87
CA ARG F 83 33.97 21.66 -2.39
C ARG F 83 34.96 21.35 -1.27
N GLY F 84 35.70 20.25 -1.43
CA GLY F 84 36.66 19.87 -0.41
C GLY F 84 35.90 19.49 0.85
N GLN F 85 34.82 18.73 0.67
CA GLN F 85 34.17 18.05 1.76
C GLN F 85 33.72 16.68 1.25
N PRO F 86 33.92 15.63 2.06
CA PRO F 86 33.51 14.27 1.72
C PRO F 86 32.00 14.06 1.83
N PHE F 87 31.49 13.11 1.06
CA PHE F 87 30.06 12.89 0.99
C PHE F 87 29.73 11.41 0.85
N GLU F 88 28.52 11.06 1.27
CA GLU F 88 27.98 9.74 0.98
C GLU F 88 26.61 9.85 0.36
N VAL F 89 26.39 9.08 -0.70
CA VAL F 89 25.10 9.07 -1.38
C VAL F 89 24.55 7.66 -1.49
N LEU F 90 23.26 7.51 -1.18
CA LEU F 90 22.54 6.29 -1.45
C LEU F 90 21.56 6.57 -2.59
N ILE F 91 21.54 5.70 -3.60
CA ILE F 91 20.39 5.68 -4.49
C ILE F 91 19.70 4.36 -4.19
N ILE F 92 18.50 4.47 -3.68
CA ILE F 92 17.75 3.29 -3.25
C ILE F 92 16.78 2.98 -4.34
N ALA F 93 17.05 1.86 -5.03
CA ALA F 93 16.49 1.58 -6.35
C ALA F 93 15.04 2.03 -6.46
N SER F 94 14.11 1.31 -5.87
CA SER F 94 12.73 1.72 -6.10
C SER F 94 11.61 1.18 -5.27
N ASP F 95 10.51 1.93 -5.37
CA ASP F 95 9.17 1.39 -5.38
C ASP F 95 8.66 1.79 -6.76
N ASP F 96 8.22 3.04 -6.87
CA ASP F 96 7.88 3.62 -8.15
C ASP F 96 8.69 4.88 -8.38
N GLY F 97 9.99 4.69 -8.54
CA GLY F 97 10.92 5.80 -8.67
C GLY F 97 12.17 5.54 -7.87
N PHE F 98 13.17 6.39 -8.03
CA PHE F 98 14.36 6.27 -7.21
C PHE F 98 14.18 7.15 -5.97
N LYS F 99 14.87 6.80 -4.89
CA LYS F 99 14.97 7.70 -3.74
C LYS F 99 16.39 8.23 -3.73
N ALA F 100 16.55 9.55 -3.68
CA ALA F 100 17.90 10.13 -3.60
C ALA F 100 18.19 10.60 -2.19
N VAL F 101 19.23 10.02 -1.58
CA VAL F 101 19.59 10.31 -0.20
C VAL F 101 20.99 10.89 -0.10
N VAL F 102 21.13 11.99 0.61
CA VAL F 102 22.45 12.60 0.77
C VAL F 102 22.67 12.92 2.23
N GLY F 103 23.84 12.57 2.75
CA GLY F 103 24.12 12.73 4.17
C GLY F 103 23.09 11.99 4.99
N ASP F 104 22.38 12.72 5.86
CA ASP F 104 21.38 12.12 6.75
C ASP F 104 19.91 12.31 6.31
N ALA F 105 19.68 12.82 5.10
CA ALA F 105 18.29 13.07 4.72
C ALA F 105 17.94 12.65 3.29
N GLN F 106 16.74 12.14 3.08
CA GLN F 106 16.24 11.97 1.71
C GLN F 106 16.24 13.31 1.02
N TYR F 107 16.76 13.35 -0.20
CA TYR F 107 16.92 14.62 -0.89
C TYR F 107 15.78 14.87 -1.88
N HIS F 108 15.44 13.87 -2.66
CA HIS F 108 14.42 14.03 -3.68
C HIS F 108 13.86 12.69 -4.08
N HIS F 109 12.60 12.68 -4.48
CA HIS F 109 12.02 11.48 -5.06
C HIS F 109 11.70 11.65 -6.55
N PHE F 110 12.16 10.68 -7.33
CA PHE F 110 12.13 10.75 -8.79
C PHE F 110 11.58 9.46 -9.39
N ARG F 111 10.31 9.52 -9.78
CA ARG F 111 9.63 8.41 -10.45
C ARG F 111 10.44 7.77 -11.56
N HIS F 112 10.21 6.47 -11.77
CA HIS F 112 10.82 5.80 -12.90
C HIS F 112 10.18 6.25 -14.20
N ARG F 113 11.01 6.50 -15.21
CA ARG F 113 10.52 6.84 -16.53
C ARG F 113 10.76 5.66 -17.47
N LEU F 114 11.96 5.08 -17.40
CA LEU F 114 12.23 3.80 -18.04
C LEU F 114 12.07 2.65 -17.04
N PRO F 115 11.63 1.46 -17.52
CA PRO F 115 11.55 0.25 -16.69
C PRO F 115 12.90 -0.14 -16.08
N LEU F 116 12.86 -0.65 -14.85
CA LEU F 116 14.07 -0.76 -14.05
C LEU F 116 14.86 -2.02 -14.44
N ALA F 117 14.19 -2.91 -15.14
CA ALA F 117 14.86 -4.06 -15.72
C ALA F 117 16.05 -3.64 -16.58
N ARG F 118 15.97 -2.45 -17.16
CA ARG F 118 16.95 -2.03 -18.17
C ARG F 118 18.34 -1.66 -17.63
N VAL F 119 18.42 -1.07 -16.44
CA VAL F 119 19.72 -0.64 -15.89
C VAL F 119 20.71 -1.81 -15.86
N ARG F 120 21.83 -1.63 -16.57
CA ARG F 120 22.89 -2.63 -16.59
C ARG F 120 24.23 -2.03 -16.15
N LEU F 121 24.32 -0.71 -16.06
CA LEU F 121 25.59 -0.04 -15.74
C LEU F 121 25.42 1.13 -14.76
N VAL F 122 26.51 1.45 -14.05
CA VAL F 122 26.59 2.65 -13.25
C VAL F 122 27.82 3.44 -13.66
N GLU F 123 27.61 4.67 -14.11
CA GLU F 123 28.72 5.54 -14.43
C GLU F 123 28.76 6.67 -13.42
N VAL F 124 29.95 6.96 -12.90
CA VAL F 124 30.10 8.08 -11.99
C VAL F 124 31.33 8.89 -12.42
N GLY F 125 31.06 9.94 -13.21
CA GLY F 125 32.12 10.80 -13.70
C GLY F 125 31.87 12.24 -13.33
N GLY F 126 32.59 13.16 -13.97
CA GLY F 126 32.53 14.54 -13.58
C GLY F 126 33.53 14.80 -12.49
N ASP F 127 33.44 15.97 -11.87
CA ASP F 127 34.46 16.40 -10.92
C ASP F 127 34.26 15.77 -9.55
N VAL F 128 34.63 14.50 -9.43
CA VAL F 128 34.43 13.79 -8.17
C VAL F 128 35.50 12.75 -7.89
N GLN F 129 36.24 12.95 -6.79
CA GLN F 129 37.18 11.95 -6.31
C GLN F 129 36.41 10.90 -5.49
N LEU F 130 36.20 9.74 -6.10
CA LEU F 130 35.56 8.62 -5.40
C LEU F 130 36.47 7.99 -4.35
N ASP F 131 35.86 7.37 -3.34
CA ASP F 131 36.60 6.51 -2.41
C ASP F 131 36.09 5.08 -2.53
N SER F 132 34.81 4.94 -2.87
CA SER F 132 34.23 3.63 -3.17
C SER F 132 32.81 3.75 -3.70
N VAL F 133 32.47 2.88 -4.66
CA VAL F 133 31.09 2.59 -4.98
C VAL F 133 30.80 1.18 -4.51
N ARG F 134 29.76 1.02 -3.69
CA ARG F 134 29.36 -0.29 -3.22
C ARG F 134 27.92 -0.57 -3.56
N ILE F 135 27.63 -1.77 -4.05
CA ILE F 135 26.23 -2.12 -4.20
C ILE F 135 25.87 -3.19 -3.17
N PHE F 136 25.15 -2.74 -2.13
CA PHE F 136 24.64 -3.62 -1.09
C PHE F 136 23.20 -4.01 -1.39
OBC 4S0 G . -24.02 -7.08 -40.85
CBD 4S0 G . -23.67 -5.91 -40.11
CN1 4S0 G . -23.04 -7.27 -41.89
CL1 4S0 G . -21.79 -7.91 -41.30
CM1 4S0 G . -20.73 -7.30 -40.79
NK1 4S0 G . -21.61 -9.23 -41.19
NJ1 4S0 G . -20.55 -9.41 -40.69
NI1 4S0 G . -19.96 -8.33 -40.41
CB1 4S0 G . -18.65 -8.46 -39.76
CA1 4S0 G . -18.53 -7.67 -38.45
OH1 4S0 G . -19.68 -7.84 -37.68
CZ1 4S0 G . -17.34 -8.28 -37.70
OG1 4S0 G . -17.18 -7.72 -36.41
OC1 4S0 G . -17.51 -8.21 -40.56
CD1 4S0 G . -16.33 -8.71 -39.87
CE1 4S0 G . -15.15 -8.54 -40.80
OF1 4S0 G . -14.70 -9.86 -41.05
CY1 4S0 G . -16.16 -7.96 -38.54
OS1 4S0 G . -14.92 -8.14 -37.77
CR1 4S0 G . -14.14 -9.33 -37.52
OM1 4S0 G . -14.71 -10.16 -36.49
CN2 4S0 G . -13.83 -11.24 -36.09
CT1 4S0 G . -14.60 -12.14 -35.14
OU1 4S0 G . -15.87 -12.46 -35.73
CO1 4S0 G . -12.59 -10.69 -35.45
OV1 4S0 G . -12.92 -9.85 -34.32
CP1 4S0 G . -11.89 -9.87 -36.51
OW1 4S0 G . -10.76 -9.24 -35.97
CQ1 4S0 G . -12.84 -8.77 -37.01
OX1 4S0 G . -12.19 -8.05 -38.08
CBE 4S0 G . -24.58 -5.74 -38.89
CBH 4S0 G . -25.76 -4.84 -39.30
OBJ 4S0 G . -26.45 -5.50 -40.35
CDN 4S0 G . -27.50 -4.71 -40.97
CDL 4S0 G . -28.67 -5.66 -41.04
CDM 4S0 G . -29.76 -5.56 -40.29
NDK 4S0 G . -28.75 -6.75 -41.77
NDJ 4S0 G . -29.86 -7.29 -41.51
NDI 4S0 G . -30.47 -6.61 -40.65
CDB 4S0 G . -31.77 -6.73 -39.96
CDA 4S0 G . -32.09 -8.12 -39.44
ODH 4S0 G . -31.05 -8.67 -38.67
CCZ 4S0 G . -33.32 -7.97 -38.54
ODG 4S0 G . -33.60 -9.19 -37.84
ODC 4S0 G . -32.82 -6.28 -40.77
CDD 4S0 G . -34.03 -6.16 -40.02
CDE 4S0 G . -35.00 -5.58 -41.00
ODF 4S0 G . -34.54 -4.25 -41.27
CCY 4S0 G . -34.42 -7.56 -39.49
OCS 4S0 G . -35.73 -7.72 -38.92
CCR 4S0 G . -36.44 -6.80 -38.10
OCM 4S0 G . -35.94 -6.79 -36.77
CCN 4S0 G . -36.81 -6.07 -35.84
CCT 4S0 G . -36.19 -6.17 -34.45
OCU 4S0 G . -34.97 -5.40 -34.44
CCO 4S0 G . -38.26 -6.65 -35.85
OCV 4S0 G . -38.26 -8.01 -35.49
CCP 4S0 G . -38.81 -6.58 -37.27
OCW 4S0 G . -40.10 -7.23 -37.36
CCQ 4S0 G . -37.86 -7.36 -38.13
OCX 4S0 G . -38.34 -7.37 -39.49
NBF 4S0 G . -25.04 -7.06 -38.44
CBG 4S0 G . -23.82 -5.02 -37.78
OBI 4S0 G . -22.42 -4.97 -38.09
CCL 4S0 G . -21.67 -4.65 -36.90
CCJ 4S0 G . -22.07 -3.27 -36.41
CCK 4S0 G . -22.23 -2.83 -35.18
NCI 4S0 G . -22.33 -2.28 -37.23
NCH 4S0 G . -22.61 -1.34 -36.59
NCG 4S0 G . -22.56 -1.56 -35.40
CBZ 4S0 G . -22.93 -0.38 -34.65
CBY 4S0 G . -24.46 -0.22 -34.68
OCF 4S0 G . -25.12 -1.31 -34.00
CBX 4S0 G . -24.83 1.10 -34.05
OCE 4S0 G . -26.29 1.21 -33.99
OCA 4S0 G . -22.36 0.65 -35.48
CCB 4S0 G . -22.69 1.97 -35.02
CCC 4S0 G . -22.08 2.87 -36.06
OCD 4S0 G . -22.07 4.17 -35.53
CBW 4S0 G . -24.23 2.19 -34.96
OBQ 4S0 G . -24.54 3.51 -34.44
CBP 4S0 G . -25.68 4.12 -35.12
OBK 4S0 G . -25.36 4.32 -36.52
CBL 4S0 G . -26.43 4.85 -37.32
CBR 4S0 G . -25.96 4.96 -38.79
OBS 4S0 G . -25.95 3.66 -39.45
CBM 4S0 G . -26.86 6.23 -36.75
OBT 4S0 G . -25.82 7.20 -36.89
CBN 4S0 G . -27.20 6.08 -35.25
OBU 4S0 G . -27.43 7.35 -34.65
CBO 4S0 G . -26.01 5.46 -34.51
OBV 4S0 G . -26.38 5.31 -33.14
OBC 4S0 H . 10.83 23.10 -19.09
CBD 4S0 H . 11.12 23.50 -20.46
CN1 4S0 H . 10.00 21.92 -18.96
CL1 4S0 H . 8.72 22.34 -18.23
CM1 4S0 H . 7.48 21.93 -18.40
NK1 4S0 H . 8.73 23.26 -17.28
NJ1 4S0 H . 7.68 23.42 -16.91
NI1 4S0 H . 6.84 22.68 -17.50
CB1 4S0 H . 5.46 22.90 -16.97
CA1 4S0 H . 4.70 21.64 -16.54
OH1 4S0 H . 5.52 20.85 -15.69
CZ1 4S0 H . 3.45 22.14 -15.82
OG1 4S0 H . 2.69 21.07 -15.22
OC1 4S0 H . 4.66 23.66 -17.90
CD1 4S0 H . 3.42 24.08 -17.31
CE1 4S0 H . 2.75 24.86 -18.44
OF1 4S0 H . 3.75 25.71 -19.06
CY1 4S0 H . 2.63 22.85 -16.85
OS1 4S0 H . 1.29 23.09 -16.35
CR1 4S0 H . 0.80 24.18 -15.53
OM1 4S0 H . 0.98 23.88 -14.13
CN2 4S0 H . 0.49 24.98 -13.35
CT1 4S0 H . 0.92 24.79 -11.90
OU1 4S0 H . 2.32 25.06 -11.80
CO1 4S0 H . -1.01 25.04 -13.47
OV1 4S0 H . -1.62 23.80 -13.05
CP1 4S0 H . -1.36 25.32 -14.94
OW1 4S0 H . -2.78 25.24 -15.10
CQ1 4S0 H . -0.70 24.27 -15.82
OX1 4S0 H . -0.93 24.60 -17.22
CBE 4S0 H . 11.14 25.03 -20.55
CBH 4S0 H . 12.03 25.60 -19.44
OBJ 4S0 H . 13.42 25.46 -19.79
CDN 4S0 H . 14.13 26.69 -19.53
CDL 4S0 H . 15.65 26.46 -19.51
CDM 4S0 H . 16.23 25.28 -19.51
NDK 4S0 H . 16.60 27.39 -19.48
NDJ 4S0 H . 17.79 26.70 -19.46
NDI 4S0 H . 17.56 25.48 -19.51
CDB 4S0 H . 18.38 24.26 -19.47
CDA 4S0 H . 19.11 24.18 -18.13
ODH 4S0 H . 18.23 24.51 -17.07
CCZ 4S0 H . 19.68 22.78 -17.99
ODG 4S0 H . 20.27 22.58 -16.69
ODC 4S0 H . 19.29 24.03 -20.57
CDD 4S0 H . 20.00 22.75 -20.46
CDE 4S0 H . 20.98 22.63 -21.64
ODF 4S0 H . 20.75 23.64 -22.63
CCY 4S0 H . 20.72 22.68 -19.08
OCS 4S0 H . 21.67 21.58 -18.84
CCR 4S0 H . 21.63 20.21 -19.31
OCM 4S0 H . 20.79 19.37 -18.46
CCN 4S0 H . 20.83 17.98 -18.84
CCT 4S0 H . 19.88 17.19 -17.98
OCU 4S0 H . 18.53 17.54 -18.28
CCO 4S0 H . 22.25 17.46 -18.69
OCV 4S0 H . 22.74 17.62 -17.32
CCP 4S0 H . 23.15 18.24 -19.60
OCW 4S0 H . 24.45 17.77 -19.35
CCQ 4S0 H . 23.06 19.70 -19.19
OCX 4S0 H . 23.97 20.51 -19.96
NBF 4S0 H . 11.65 25.48 -21.85
CBG 4S0 H . 9.72 25.55 -20.35
OBI 4S0 H . 8.87 25.09 -21.41
CCL 4S0 H . 7.50 25.30 -21.12
CCJ 4S0 H . 6.77 24.00 -21.42
CCK 4S0 H . 7.07 23.18 -22.42
NCI 4S0 H . 5.74 23.48 -20.74
NCH 4S0 H . 5.42 22.39 -21.30
NCG 4S0 H . 6.19 22.17 -22.32
CBZ 4S0 H . 6.27 21.07 -23.32
CBY 4S0 H . 4.96 20.79 -24.04
OCF 4S0 H . 4.34 22.01 -24.46
CBX 4S0 H . 5.32 19.91 -25.26
OCE 4S0 H . 4.17 19.67 -26.09
OCA 4S0 H . 6.75 19.81 -22.75
CCB 4S0 H . 7.12 18.92 -23.83
CCC 4S0 H . 7.73 17.67 -23.24
OCD 4S0 H . 8.98 17.51 -23.90
CBW 4S0 H . 5.89 18.60 -24.71
OBQ 4S0 H . 6.14 17.59 -25.76
CBP 4S0 H . 7.35 17.42 -26.58
OBK 4S0 H . 7.47 18.48 -27.52
CBL 4S0 H . 8.54 18.32 -28.45
CBR 4S0 H . 8.47 19.58 -29.31
OBS 4S0 H . 8.61 20.68 -28.42
CBM 4S0 H . 8.35 17.09 -29.32
OBT 4S0 H . 7.15 17.21 -30.13
CBN 4S0 H . 8.29 15.91 -28.38
OBU 4S0 H . 8.07 14.69 -29.10
CBO 4S0 H . 7.19 16.10 -27.34
OBV 4S0 H . 7.25 15.00 -26.38
#